data_3HO4
#
_entry.id   3HO4
#
_cell.length_a   101.042
_cell.length_b   101.042
_cell.length_c   304.923
_cell.angle_alpha   90.00
_cell.angle_beta   90.00
_cell.angle_gamma   120.00
#
_symmetry.space_group_name_H-M   'P 31 2 1'
#
_entity_poly.entity_id   1
_entity_poly.type   'polypeptide(L)'
_entity_poly.pdbx_seq_one_letter_code
;SNYLDQ(MSE)EEYDKVEEISRKHKHNCFCIQEVVSGLRQPVGALHSGDGSQRLFILEKEGYVKILTPEGEIFKEPYLDI
HKLVQSGIKGGDERGLLSLAFHPNYKKNGKLYVSYTTNQERWAIGPHDHILRVVEYTVSRKNPHQVDLRTARVFLEVAEL
HRKHLGGQLLFGPDGFLYIILGDG(MSE)ITLDD(MSE)EE(MSE)DGLSDFTGSVLRLDVDTD(MSE)CNVPYSIPRSN
PHFNSTNQPPEVFAHGLHDPGRCAVDRHPTDININLTILCSDSNGKNRSSARILQIIKGKDYESEPSLLEFKPFSNGPLV
GGFVYRGCQSERLYGSYVFGDRNGNFLTLQQSPVTKQWQEKPLCLGTSGSCRGYFSGHILGFGEDELGEVYILSSSKS
(MSE)TQTHNGKLYKIVDPKRPL(MSE)PEECRATVQPAQTLTSECSRLCRNGYCTPTGKCCCSPGWEGDFCRTAKCEPA
CRHGGVCVRPNKCLCKKGYLGPQCEHHHHHH
;
_entity_poly.pdbx_strand_id   A,B
#
# COMPACT_ATOMS: atom_id res chain seq x y z
N HIS A 22 7.20 21.57 -1.34
CA HIS A 22 7.67 21.12 -2.68
C HIS A 22 6.49 20.72 -3.57
N ASN A 23 6.75 20.58 -4.88
CA ASN A 23 5.70 20.31 -5.85
C ASN A 23 5.70 18.90 -6.49
N CYS A 24 6.24 17.92 -5.77
CA CYS A 24 6.38 16.57 -6.31
C CYS A 24 5.10 15.78 -6.31
N PHE A 25 5.09 14.73 -7.12
CA PHE A 25 4.00 13.75 -7.10
C PHE A 25 4.47 12.54 -6.31
N CYS A 26 3.67 11.49 -6.34
CA CYS A 26 3.70 10.54 -5.26
C CYS A 26 3.13 9.23 -5.77
N ILE A 27 3.76 8.11 -5.47
CA ILE A 27 3.16 6.84 -5.93
C ILE A 27 2.70 5.93 -4.79
N GLN A 28 1.64 5.19 -5.06
CA GLN A 28 0.99 4.34 -4.06
C GLN A 28 0.73 2.96 -4.63
N GLU A 29 1.26 1.93 -3.98
CA GLU A 29 1.05 0.55 -4.45
C GLU A 29 -0.42 0.15 -4.32
N VAL A 30 -1.02 -0.24 -5.43
CA VAL A 30 -2.37 -0.75 -5.41
C VAL A 30 -2.34 -2.28 -5.34
N VAL A 31 -1.76 -2.91 -6.37
CA VAL A 31 -1.75 -4.37 -6.45
C VAL A 31 -0.34 -4.88 -6.72
N SER A 32 -0.04 -6.10 -6.26
CA SER A 32 1.23 -6.76 -6.55
C SER A 32 1.01 -8.22 -6.98
N GLY A 33 2.11 -8.91 -7.25
CA GLY A 33 2.08 -10.29 -7.70
C GLY A 33 1.46 -10.49 -9.06
N LEU A 34 1.57 -9.49 -9.92
CA LEU A 34 1.13 -9.65 -11.30
C LEU A 34 2.24 -10.34 -12.09
N ARG A 35 1.93 -10.81 -13.29
CA ARG A 35 2.97 -11.44 -14.11
C ARG A 35 3.20 -10.64 -15.37
N GLN A 36 4.24 -9.78 -15.31
CA GLN A 36 4.63 -8.91 -16.41
C GLN A 36 3.47 -8.10 -16.94
N PRO A 37 3.12 -7.01 -16.24
CA PRO A 37 2.00 -6.22 -16.70
C PRO A 37 2.40 -5.44 -17.93
N VAL A 38 1.51 -5.38 -18.91
CA VAL A 38 1.74 -4.61 -20.12
C VAL A 38 1.11 -3.23 -19.91
N GLY A 39 -0.06 -3.20 -19.26
CA GLY A 39 -0.79 -1.96 -18.98
C GLY A 39 -2.14 -2.18 -18.31
N ALA A 40 -2.93 -1.12 -18.22
CA ALA A 40 -4.28 -1.20 -17.66
C ALA A 40 -5.21 -0.12 -18.19
N LEU A 41 -6.50 -0.47 -18.30
CA LEU A 41 -7.55 0.50 -18.67
C LEU A 41 -8.92 0.07 -18.12
N HIS A 42 -9.92 0.91 -18.36
CA HIS A 42 -11.26 0.63 -17.91
C HIS A 42 -12.19 0.45 -19.10
N SER A 43 -13.42 0.01 -18.86
CA SER A 43 -14.32 -0.41 -19.93
C SER A 43 -15.39 0.62 -20.31
N GLY A 44 -15.39 1.76 -19.63
CA GLY A 44 -16.36 2.83 -19.86
C GLY A 44 -17.82 2.48 -19.57
N ASP A 45 -18.04 1.47 -18.73
CA ASP A 45 -19.41 0.97 -18.49
C ASP A 45 -20.03 1.36 -17.14
N GLY A 46 -19.28 2.07 -16.30
CA GLY A 46 -19.81 2.59 -15.04
C GLY A 46 -19.25 1.90 -13.83
N SER A 47 -19.06 0.58 -13.94
CA SER A 47 -18.29 -0.19 -12.97
C SER A 47 -16.87 0.33 -13.02
N GLN A 48 -16.33 0.72 -11.89
CA GLN A 48 -15.01 1.34 -11.93
C GLN A 48 -13.91 0.27 -12.02
N ARG A 49 -14.30 -0.86 -12.60
CA ARG A 49 -13.42 -1.96 -12.94
C ARG A 49 -12.17 -1.52 -13.71
N LEU A 50 -11.02 -1.99 -13.26
CA LEU A 50 -9.77 -1.75 -13.95
C LEU A 50 -9.25 -3.05 -14.52
N PHE A 51 -9.09 -3.09 -15.84
CA PHE A 51 -8.66 -4.29 -16.54
C PHE A 51 -7.16 -4.22 -16.78
N ILE A 52 -6.43 -5.16 -16.18
CA ILE A 52 -4.96 -5.21 -16.24
C ILE A 52 -4.46 -6.21 -17.28
N LEU A 53 -3.58 -5.79 -18.16
CA LEU A 53 -3.04 -6.68 -19.18
C LEU A 53 -1.72 -7.29 -18.75
N GLU A 54 -1.61 -8.62 -18.89
CA GLU A 54 -0.38 -9.34 -18.63
C GLU A 54 0.20 -9.87 -19.92
N LYS A 55 1.52 -9.83 -20.05
CA LYS A 55 2.17 -10.09 -21.33
C LYS A 55 1.88 -11.49 -21.89
N GLU A 56 1.90 -12.48 -21.01
CA GLU A 56 1.72 -13.89 -21.41
C GLU A 56 0.39 -14.15 -22.10
N GLY A 57 -0.55 -13.20 -21.97
CA GLY A 57 -1.84 -13.28 -22.65
C GLY A 57 -3.05 -13.37 -21.74
N TYR A 58 -3.04 -12.57 -20.68
CA TYR A 58 -4.12 -12.55 -19.70
C TYR A 58 -4.65 -11.13 -19.52
N VAL A 59 -5.93 -11.00 -19.22
CA VAL A 59 -6.46 -9.73 -18.72
C VAL A 59 -7.16 -10.03 -17.42
N LYS A 60 -6.79 -9.30 -16.36
CA LYS A 60 -7.36 -9.53 -15.03
C LYS A 60 -8.17 -8.29 -14.61
N ILE A 61 -9.11 -8.49 -13.70
CA ILE A 61 -9.98 -7.40 -13.23
C ILE A 61 -9.64 -6.91 -11.83
N LEU A 62 -9.55 -5.60 -11.65
CA LEU A 62 -9.42 -5.01 -10.33
C LEU A 62 -10.67 -4.22 -9.97
N THR A 63 -11.40 -4.71 -8.97
CA THR A 63 -12.62 -4.06 -8.54
C THR A 63 -12.30 -2.68 -7.96
N PRO A 64 -13.27 -1.75 -8.02
CA PRO A 64 -13.08 -0.45 -7.39
C PRO A 64 -12.86 -0.64 -5.91
N GLU A 65 -13.31 -1.79 -5.40
CA GLU A 65 -13.18 -2.12 -3.99
C GLU A 65 -11.80 -2.73 -3.70
N GLY A 66 -11.03 -2.95 -4.77
CA GLY A 66 -9.64 -3.34 -4.65
C GLY A 66 -9.34 -4.82 -4.60
N GLU A 67 -10.17 -5.64 -5.25
CA GLU A 67 -9.94 -7.08 -5.34
C GLU A 67 -9.56 -7.46 -6.77
N ILE A 68 -8.54 -8.32 -6.91
CA ILE A 68 -8.23 -8.90 -8.21
C ILE A 68 -9.01 -10.21 -8.27
N PHE A 69 -10.00 -10.27 -9.16
CA PHE A 69 -10.87 -11.44 -9.33
C PHE A 69 -10.06 -12.70 -9.63
N LYS A 70 -10.32 -13.77 -8.88
CA LYS A 70 -9.60 -15.04 -9.07
C LYS A 70 -9.58 -15.53 -10.52
N GLU A 71 -10.71 -15.52 -11.19
CA GLU A 71 -10.74 -15.94 -12.58
C GLU A 71 -10.32 -14.79 -13.51
N PRO A 72 -9.34 -15.04 -14.39
CA PRO A 72 -8.96 -14.08 -15.43
C PRO A 72 -10.14 -13.65 -16.29
N TYR A 73 -10.23 -12.36 -16.59
CA TYR A 73 -11.26 -11.84 -17.49
C TYR A 73 -11.07 -12.39 -18.89
N LEU A 74 -9.82 -12.38 -19.34
CA LEU A 74 -9.46 -12.98 -20.62
C LEU A 74 -8.20 -13.80 -20.43
N ASP A 75 -8.25 -15.04 -20.88
CA ASP A 75 -7.09 -15.93 -20.83
C ASP A 75 -6.84 -16.53 -22.22
N ILE A 76 -5.93 -15.92 -22.96
CA ILE A 76 -5.55 -16.41 -24.28
C ILE A 76 -4.06 -16.81 -24.37
N HIS A 77 -3.50 -17.27 -23.26
CA HIS A 77 -2.05 -17.50 -23.17
C HIS A 77 -1.50 -18.59 -24.11
N LYS A 78 -2.35 -19.54 -24.50
CA LYS A 78 -1.91 -20.55 -25.44
C LYS A 78 -1.85 -19.98 -26.85
N LEU A 79 -2.87 -19.22 -27.23
CA LEU A 79 -2.87 -18.55 -28.53
C LEU A 79 -1.67 -17.62 -28.72
N VAL A 80 -1.36 -16.79 -27.71
CA VAL A 80 -0.31 -15.79 -27.87
C VAL A 80 1.09 -16.37 -27.71
N GLN A 81 1.97 -15.95 -28.61
CA GLN A 81 3.38 -16.28 -28.52
C GLN A 81 4.06 -15.11 -27.86
N SER A 82 4.47 -15.29 -26.61
CA SER A 82 5.09 -14.22 -25.84
C SER A 82 6.60 -14.40 -25.73
N GLY A 83 7.27 -13.41 -25.14
CA GLY A 83 8.72 -13.43 -25.00
C GLY A 83 9.24 -14.53 -24.10
N ILE A 84 10.37 -15.11 -24.49
CA ILE A 84 11.10 -16.07 -23.65
C ILE A 84 12.12 -15.37 -22.75
N LYS A 85 12.31 -14.08 -22.97
CA LYS A 85 13.27 -13.28 -22.21
C LYS A 85 12.70 -11.89 -21.93
N GLY A 86 13.60 -10.93 -21.71
CA GLY A 86 13.28 -9.51 -21.77
C GLY A 86 13.80 -8.97 -23.09
N GLY A 87 13.37 -7.77 -23.46
CA GLY A 87 13.70 -7.19 -24.77
C GLY A 87 12.96 -7.86 -25.92
N ASP A 88 12.42 -9.06 -25.66
CA ASP A 88 11.56 -9.80 -26.58
C ASP A 88 10.14 -9.25 -26.45
N GLU A 89 9.66 -8.64 -27.53
CA GLU A 89 8.47 -7.77 -27.52
C GLU A 89 7.14 -8.48 -27.77
N ARG A 90 7.11 -9.81 -27.61
CA ARG A 90 6.22 -10.65 -28.38
C ARG A 90 4.84 -11.03 -27.80
N GLY A 91 4.50 -10.60 -26.60
CA GLY A 91 3.25 -11.07 -25.95
C GLY A 91 1.89 -10.52 -26.40
N LEU A 92 1.00 -10.32 -25.44
CA LEU A 92 -0.24 -9.56 -25.65
C LEU A 92 0.10 -8.07 -25.69
N LEU A 93 -0.44 -7.36 -26.67
CA LEU A 93 0.01 -6.00 -26.95
C LEU A 93 -0.87 -4.90 -26.39
N SER A 94 -2.18 -5.01 -26.61
CA SER A 94 -3.10 -3.95 -26.28
C SER A 94 -4.57 -4.40 -26.26
N LEU A 95 -5.39 -3.64 -25.53
CA LEU A 95 -6.82 -3.92 -25.38
C LEU A 95 -7.62 -2.64 -25.53
N ALA A 96 -8.80 -2.75 -26.15
CA ALA A 96 -9.69 -1.59 -26.30
C ALA A 96 -11.14 -2.02 -26.26
N PHE A 97 -11.93 -1.36 -25.40
CA PHE A 97 -13.35 -1.66 -25.29
C PHE A 97 -14.13 -0.79 -26.27
N HIS A 98 -15.22 -1.33 -26.81
CA HIS A 98 -16.04 -0.56 -27.73
C HIS A 98 -16.58 0.67 -26.99
N PRO A 99 -16.68 1.81 -27.68
CA PRO A 99 -17.30 3.00 -27.10
C PRO A 99 -18.66 2.69 -26.45
N ASN A 100 -19.32 1.63 -26.91
CA ASN A 100 -20.58 1.17 -26.36
C ASN A 100 -20.54 -0.25 -25.80
N TYR A 101 -19.44 -0.56 -25.11
CA TYR A 101 -19.28 -1.84 -24.45
C TYR A 101 -20.44 -2.14 -23.52
N LYS A 102 -20.91 -1.12 -22.78
CA LYS A 102 -22.03 -1.29 -21.85
C LYS A 102 -23.25 -1.96 -22.49
N LYS A 103 -23.49 -1.66 -23.76
CA LYS A 103 -24.60 -2.25 -24.51
C LYS A 103 -24.21 -3.53 -25.27
N ASN A 104 -23.14 -3.46 -26.05
CA ASN A 104 -22.77 -4.57 -26.92
C ASN A 104 -21.59 -5.43 -26.44
N GLY A 105 -21.08 -5.14 -25.26
CA GLY A 105 -20.00 -5.92 -24.67
C GLY A 105 -18.92 -6.38 -25.63
N LYS A 106 -18.32 -5.44 -26.36
CA LYS A 106 -17.28 -5.79 -27.34
C LYS A 106 -15.88 -5.23 -27.08
N LEU A 107 -14.93 -6.16 -27.02
CA LEU A 107 -13.52 -5.88 -26.82
C LEU A 107 -12.81 -5.90 -28.17
N TYR A 108 -11.63 -5.31 -28.18
CA TYR A 108 -10.72 -5.41 -29.29
C TYR A 108 -9.32 -5.60 -28.73
N VAL A 109 -8.62 -6.60 -29.24
CA VAL A 109 -7.38 -7.07 -28.64
C VAL A 109 -6.31 -7.29 -29.70
N SER A 110 -5.08 -6.90 -29.38
CA SER A 110 -3.94 -7.17 -30.25
C SER A 110 -2.91 -8.04 -29.54
N TYR A 111 -2.36 -9.02 -30.26
CA TYR A 111 -1.36 -9.93 -29.72
C TYR A 111 -0.63 -10.72 -30.80
N THR A 112 0.57 -11.15 -30.47
CA THR A 112 1.41 -11.91 -31.38
C THR A 112 1.06 -13.39 -31.36
N THR A 113 1.26 -14.06 -32.49
CA THR A 113 0.98 -15.48 -32.62
C THR A 113 1.79 -16.09 -33.77
N HIS A 123 7.68 -13.75 -41.88
CA HIS A 123 7.55 -15.19 -41.69
C HIS A 123 7.66 -15.62 -40.22
N ASP A 124 8.28 -14.78 -39.38
CA ASP A 124 8.50 -15.12 -37.97
C ASP A 124 7.20 -15.30 -37.19
N HIS A 125 6.40 -14.24 -37.10
CA HIS A 125 5.12 -14.28 -36.39
C HIS A 125 4.10 -13.32 -36.98
N ILE A 126 2.83 -13.52 -36.62
CA ILE A 126 1.77 -12.60 -37.05
C ILE A 126 1.21 -11.79 -35.90
N LEU A 127 1.16 -10.48 -36.11
CA LEU A 127 0.52 -9.55 -35.16
C LEU A 127 -0.95 -9.49 -35.49
N ARG A 128 -1.75 -10.09 -34.62
CA ARG A 128 -3.17 -10.25 -34.84
C ARG A 128 -3.94 -9.15 -34.13
N VAL A 129 -5.04 -8.71 -34.75
CA VAL A 129 -5.99 -7.82 -34.09
C VAL A 129 -7.36 -8.48 -34.17
N VAL A 130 -7.93 -8.79 -33.01
CA VAL A 130 -9.11 -9.65 -32.91
C VAL A 130 -10.18 -8.99 -32.09
N GLU A 131 -11.45 -9.30 -32.37
CA GLU A 131 -12.51 -8.84 -31.49
C GLU A 131 -13.13 -9.97 -30.69
N TYR A 132 -13.39 -9.69 -29.41
CA TYR A 132 -14.02 -10.64 -28.50
C TYR A 132 -15.29 -10.01 -27.90
N THR A 133 -16.19 -10.88 -27.43
CA THR A 133 -17.43 -10.44 -26.80
C THR A 133 -17.60 -11.19 -25.48
N VAL A 134 -18.02 -10.48 -24.43
CA VAL A 134 -18.14 -11.09 -23.10
C VAL A 134 -19.14 -12.20 -23.03
N SER A 135 -18.95 -13.08 -22.05
CA SER A 135 -19.96 -14.04 -21.68
C SER A 135 -21.30 -13.33 -21.53
N ARG A 136 -22.32 -13.86 -22.19
CA ARG A 136 -23.68 -13.34 -22.04
C ARG A 136 -24.25 -13.77 -20.68
N LYS A 137 -23.48 -14.56 -19.94
CA LYS A 137 -23.90 -15.03 -18.62
C LYS A 137 -22.97 -14.58 -17.50
N ASN A 138 -21.81 -14.07 -17.85
CA ASN A 138 -20.86 -13.56 -16.85
C ASN A 138 -20.20 -12.27 -17.34
N PRO A 139 -20.56 -11.13 -16.72
CA PRO A 139 -20.01 -9.83 -17.09
C PRO A 139 -18.52 -9.73 -16.81
N HIS A 140 -17.98 -10.66 -16.03
CA HIS A 140 -16.59 -10.59 -15.61
C HIS A 140 -15.69 -11.57 -16.33
N GLN A 141 -16.24 -12.24 -17.35
CA GLN A 141 -15.47 -13.14 -18.18
C GLN A 141 -15.85 -12.98 -19.67
N VAL A 142 -14.85 -13.08 -20.55
CA VAL A 142 -15.09 -13.09 -21.99
C VAL A 142 -15.16 -14.54 -22.43
N ASP A 143 -16.16 -14.90 -23.25
CA ASP A 143 -16.13 -16.26 -23.79
C ASP A 143 -15.35 -16.25 -25.09
N LEU A 144 -14.37 -17.13 -25.14
CA LEU A 144 -13.30 -17.09 -26.13
C LEU A 144 -13.76 -17.58 -27.50
N ARG A 145 -14.97 -18.15 -27.55
CA ARG A 145 -15.53 -18.68 -28.78
C ARG A 145 -15.86 -17.59 -29.78
N THR A 146 -15.80 -16.33 -29.33
CA THR A 146 -16.22 -15.19 -30.14
C THR A 146 -15.07 -14.48 -30.84
N ALA A 147 -13.88 -15.09 -30.81
CA ALA A 147 -12.73 -14.59 -31.55
C ALA A 147 -13.10 -14.39 -33.02
N ARG A 148 -12.94 -13.15 -33.49
CA ARG A 148 -13.32 -12.77 -34.83
C ARG A 148 -12.21 -11.90 -35.38
N VAL A 149 -11.23 -12.53 -36.02
CA VAL A 149 -9.99 -11.87 -36.45
C VAL A 149 -10.28 -10.75 -37.46
N PHE A 150 -9.66 -9.59 -37.24
CA PHE A 150 -9.85 -8.40 -38.08
C PHE A 150 -8.62 -8.16 -38.94
N LEU A 151 -7.45 -8.31 -38.34
CA LEU A 151 -6.18 -8.05 -39.03
C LEU A 151 -5.13 -9.08 -38.66
N GLU A 152 -4.28 -9.42 -39.63
CA GLU A 152 -3.15 -10.32 -39.40
C GLU A 152 -1.90 -9.77 -40.09
N VAL A 153 -1.04 -9.14 -39.31
CA VAL A 153 0.13 -8.48 -39.85
C VAL A 153 1.37 -9.36 -39.69
N ALA A 154 1.86 -9.85 -40.82
CA ALA A 154 3.10 -10.62 -40.85
C ALA A 154 4.27 -9.78 -40.34
N GLU A 155 5.03 -10.34 -39.40
CA GLU A 155 6.24 -9.66 -38.92
C GLU A 155 7.46 -10.58 -38.99
N LEU A 156 8.60 -9.98 -39.33
CA LEU A 156 9.86 -10.71 -39.51
C LEU A 156 10.75 -10.66 -38.26
N HIS A 157 10.62 -9.59 -37.48
CA HIS A 157 11.46 -9.40 -36.31
C HIS A 157 10.65 -9.29 -35.04
N ARG A 158 11.30 -9.02 -33.91
CA ARG A 158 10.62 -9.04 -32.61
C ARG A 158 10.71 -7.72 -31.83
N LYS A 159 10.95 -6.63 -32.55
CA LYS A 159 11.03 -5.31 -31.95
C LYS A 159 10.23 -4.34 -32.82
N HIS A 160 9.97 -3.13 -32.31
CA HIS A 160 9.23 -2.09 -33.05
C HIS A 160 7.85 -2.59 -33.48
N LEU A 161 7.21 -3.37 -32.61
CA LEU A 161 5.94 -4.00 -32.91
C LEU A 161 4.76 -3.03 -32.82
N GLY A 162 4.76 -2.21 -31.77
CA GLY A 162 3.60 -1.37 -31.46
C GLY A 162 2.43 -2.22 -31.02
N GLY A 163 1.25 -1.89 -31.52
CA GLY A 163 0.05 -2.67 -31.23
C GLY A 163 -1.06 -1.94 -30.50
N GLN A 164 -0.76 -0.72 -30.05
CA GLN A 164 -1.74 0.12 -29.32
C GLN A 164 -3.06 0.25 -30.08
N LEU A 165 -4.16 0.12 -29.35
CA LEU A 165 -5.50 0.25 -29.93
C LEU A 165 -6.29 1.32 -29.19
N LEU A 166 -6.95 2.20 -29.95
CA LEU A 166 -7.77 3.25 -29.34
C LEU A 166 -8.98 3.63 -30.21
N PHE A 167 -10.06 4.01 -29.55
CA PHE A 167 -11.18 4.62 -30.26
C PHE A 167 -11.14 6.13 -30.05
N GLY A 168 -10.97 6.87 -31.14
CA GLY A 168 -11.16 8.32 -31.06
C GLY A 168 -12.64 8.60 -31.04
N PRO A 169 -13.03 9.87 -30.81
CA PRO A 169 -14.42 10.26 -31.09
C PRO A 169 -14.82 9.93 -32.54
N ASP A 170 -16.12 9.92 -32.81
CA ASP A 170 -16.67 9.29 -34.02
C ASP A 170 -16.61 7.75 -33.97
N GLY A 171 -15.95 7.21 -32.95
CA GLY A 171 -15.96 5.78 -32.65
C GLY A 171 -15.16 4.86 -33.57
N PHE A 172 -14.21 5.41 -34.32
CA PHE A 172 -13.35 4.58 -35.19
C PHE A 172 -12.20 3.92 -34.40
N LEU A 173 -11.84 2.70 -34.82
CA LEU A 173 -10.74 1.99 -34.20
C LEU A 173 -9.41 2.41 -34.80
N TYR A 174 -8.60 3.09 -33.99
CA TYR A 174 -7.25 3.44 -34.41
C TYR A 174 -6.34 2.34 -33.95
N ILE A 175 -5.52 1.85 -34.86
CA ILE A 175 -4.48 0.89 -34.48
C ILE A 175 -3.10 1.43 -34.90
N ILE A 176 -2.17 1.43 -33.94
CA ILE A 176 -0.85 2.03 -34.13
C ILE A 176 0.24 0.97 -34.20
N LEU A 177 0.90 0.89 -35.35
CA LEU A 177 1.89 -0.15 -35.64
C LEU A 177 3.26 0.43 -35.93
N GLY A 178 4.29 -0.18 -35.34
CA GLY A 178 5.67 0.24 -35.53
C GLY A 178 6.33 -0.40 -36.73
N ASP A 179 7.65 -0.26 -36.81
CA ASP A 179 8.49 -0.78 -37.91
C ASP A 179 8.32 -2.27 -38.16
N GLY A 180 8.45 -3.05 -37.08
CA GLY A 180 8.67 -4.47 -37.18
C GLY A 180 10.10 -4.71 -37.64
N ILE A 182 11.30 -3.84 -40.41
CA ILE A 182 11.26 -4.17 -41.83
C ILE A 182 11.94 -3.05 -42.61
N THR A 183 12.90 -3.42 -43.44
CA THR A 183 13.63 -2.45 -44.26
C THR A 183 13.02 -2.32 -45.66
N LEU A 184 13.38 -1.24 -46.36
CA LEU A 184 12.91 -1.00 -47.72
C LEU A 184 13.18 -2.19 -48.65
N ASP A 185 14.39 -2.73 -48.59
CA ASP A 185 14.78 -3.87 -49.42
C ASP A 185 14.12 -5.18 -49.00
N ASP A 186 13.80 -5.29 -47.72
CA ASP A 186 13.07 -6.47 -47.21
C ASP A 186 11.65 -6.54 -47.76
N GLU A 188 11.02 -5.50 -51.13
CA GLU A 188 11.18 -5.86 -52.54
C GLU A 188 11.57 -7.34 -52.68
N GLU A 189 12.05 -7.93 -51.58
CA GLU A 189 12.35 -9.34 -51.53
C GLU A 189 11.09 -10.14 -51.22
N ASP A 191 7.15 -11.10 -50.65
CA ASP A 191 5.93 -10.87 -51.42
C ASP A 191 4.71 -10.75 -50.51
N GLY A 192 4.25 -11.88 -49.98
CA GLY A 192 3.12 -11.91 -49.04
C GLY A 192 3.51 -11.29 -47.72
N LEU A 193 3.45 -9.96 -47.66
CA LEU A 193 3.89 -9.21 -46.49
C LEU A 193 3.13 -7.89 -46.35
N SER A 194 2.55 -7.69 -45.16
CA SER A 194 1.67 -6.56 -44.86
C SER A 194 2.27 -5.19 -45.18
N ASP A 195 1.43 -4.34 -45.77
CA ASP A 195 1.78 -2.94 -46.04
C ASP A 195 1.34 -1.99 -44.91
N PHE A 196 1.10 -2.54 -43.72
CA PHE A 196 0.61 -1.74 -42.59
C PHE A 196 1.70 -1.32 -41.61
N THR A 197 2.73 -2.15 -41.45
CA THR A 197 3.78 -1.88 -40.46
C THR A 197 4.42 -0.50 -40.66
N GLY A 198 4.40 0.27 -39.58
CA GLY A 198 4.92 1.63 -39.58
C GLY A 198 3.81 2.65 -39.75
N SER A 199 2.57 2.21 -39.57
CA SER A 199 1.43 3.09 -39.84
C SER A 199 0.38 3.12 -38.74
N VAL A 200 -0.32 4.24 -38.65
CA VAL A 200 -1.55 4.31 -37.88
C VAL A 200 -2.70 3.86 -38.79
N LEU A 201 -3.42 2.82 -38.37
CA LEU A 201 -4.56 2.32 -39.15
C LEU A 201 -5.88 2.78 -38.54
N ARG A 202 -6.86 3.06 -39.39
CA ARG A 202 -8.18 3.47 -38.92
C ARG A 202 -9.29 2.64 -39.56
N LEU A 203 -10.14 2.05 -38.72
CA LEU A 203 -11.23 1.20 -39.19
C LEU A 203 -12.57 1.59 -38.59
N ASP A 204 -13.62 1.42 -39.38
CA ASP A 204 -14.99 1.54 -38.91
C ASP A 204 -15.47 0.13 -38.59
N VAL A 205 -15.58 -0.15 -37.31
CA VAL A 205 -15.97 -1.46 -36.85
C VAL A 205 -17.48 -1.64 -36.87
N ASP A 206 -18.20 -0.53 -36.81
CA ASP A 206 -19.65 -0.53 -36.79
C ASP A 206 -20.23 -0.78 -38.19
N THR A 207 -20.32 -2.06 -38.56
CA THR A 207 -20.81 -2.45 -39.87
C THR A 207 -22.10 -3.22 -39.76
N ASP A 208 -22.95 -3.08 -40.79
CA ASP A 208 -24.11 -3.94 -40.97
C ASP A 208 -23.83 -4.90 -42.12
N CYS A 210 -21.66 -8.29 -43.68
CA CYS A 210 -21.27 -9.59 -43.16
C CYS A 210 -20.24 -10.31 -44.04
N ASN A 211 -19.61 -9.55 -44.94
CA ASN A 211 -18.49 -10.06 -45.72
C ASN A 211 -17.18 -9.68 -45.02
N VAL A 212 -16.84 -8.39 -45.08
CA VAL A 212 -15.63 -7.89 -44.44
C VAL A 212 -15.93 -7.60 -42.97
N PRO A 213 -15.03 -8.04 -42.06
CA PRO A 213 -15.21 -7.85 -40.62
C PRO A 213 -15.16 -6.40 -40.16
N TYR A 214 -14.63 -5.51 -41.01
CA TYR A 214 -14.59 -4.08 -40.75
C TYR A 214 -14.79 -3.26 -42.02
N SER A 215 -15.42 -2.10 -41.87
CA SER A 215 -15.63 -1.19 -42.99
C SER A 215 -14.57 -0.09 -42.95
N ILE A 216 -14.10 0.33 -44.11
CA ILE A 216 -13.12 1.42 -44.20
C ILE A 216 -13.86 2.75 -44.14
N PRO A 217 -13.50 3.59 -43.16
CA PRO A 217 -14.27 4.77 -42.77
C PRO A 217 -14.48 5.81 -43.84
N ARG A 218 -15.75 6.18 -43.98
CA ARG A 218 -16.19 7.52 -44.34
C ARG A 218 -15.09 8.44 -44.91
N SER A 219 -14.30 9.00 -43.98
CA SER A 219 -13.42 10.13 -44.25
C SER A 219 -11.94 9.78 -44.32
N ASN A 220 -11.63 8.52 -44.61
CA ASN A 220 -10.25 8.07 -44.74
C ASN A 220 -9.61 8.58 -46.01
N PRO A 221 -8.30 8.88 -45.95
CA PRO A 221 -7.56 9.01 -47.20
C PRO A 221 -7.37 7.59 -47.74
N HIS A 222 -7.42 7.44 -49.07
CA HIS A 222 -7.43 6.13 -49.71
C HIS A 222 -8.73 5.36 -49.37
N PHE A 223 -9.86 6.06 -49.41
CA PHE A 223 -11.17 5.47 -49.15
C PHE A 223 -11.61 4.51 -50.27
N ASN A 224 -11.72 5.04 -51.49
CA ASN A 224 -11.96 4.22 -52.68
C ASN A 224 -10.67 3.48 -53.03
N SER A 225 -9.61 4.27 -53.17
CA SER A 225 -8.21 3.80 -53.25
C SER A 225 -7.83 2.94 -54.46
N THR A 226 -6.55 3.02 -54.79
CA THR A 226 -5.89 2.17 -55.78
C THR A 226 -4.40 2.25 -55.45
N ASN A 227 -3.99 3.45 -55.02
CA ASN A 227 -2.64 3.73 -54.58
C ASN A 227 -2.60 3.83 -53.06
N GLN A 228 -1.85 2.92 -52.43
CA GLN A 228 -1.77 2.78 -50.97
C GLN A 228 -3.03 2.09 -50.37
N PRO A 229 -2.82 1.19 -49.38
CA PRO A 229 -3.92 0.42 -48.79
C PRO A 229 -4.88 1.27 -47.96
N PRO A 230 -6.20 1.09 -48.18
CA PRO A 230 -7.29 1.89 -47.60
C PRO A 230 -7.27 2.06 -46.07
N GLU A 231 -6.75 1.07 -45.37
CA GLU A 231 -6.72 1.07 -43.91
C GLU A 231 -5.76 2.12 -43.33
N VAL A 232 -4.63 2.33 -44.02
CA VAL A 232 -3.61 3.29 -43.58
C VAL A 232 -4.17 4.70 -43.53
N PHE A 233 -4.06 5.31 -42.35
CA PHE A 233 -4.52 6.67 -42.10
C PHE A 233 -3.33 7.62 -42.05
N ALA A 234 -2.19 7.10 -41.57
CA ALA A 234 -0.90 7.80 -41.59
C ALA A 234 0.23 6.79 -41.45
N HIS A 235 1.41 7.12 -41.99
CA HIS A 235 2.59 6.29 -41.82
C HIS A 235 3.70 7.12 -41.19
N GLY A 236 4.84 6.49 -40.92
CA GLY A 236 6.02 7.21 -40.46
C GLY A 236 6.56 6.76 -39.12
N LEU A 237 5.75 6.00 -38.38
CA LEU A 237 6.16 5.46 -37.08
C LEU A 237 7.31 4.48 -37.21
N HIS A 238 8.23 4.51 -36.24
CA HIS A 238 9.31 3.54 -36.18
C HIS A 238 9.15 2.60 -34.99
N ASP A 239 9.45 3.12 -33.80
CA ASP A 239 9.40 2.34 -32.56
C ASP A 239 8.61 3.13 -31.51
N PRO A 240 7.27 3.18 -31.66
CA PRO A 240 6.51 4.06 -30.81
C PRO A 240 6.23 3.47 -29.43
N GLY A 241 6.26 4.33 -28.41
CA GLY A 241 5.85 3.95 -27.07
C GLY A 241 4.35 4.04 -26.91
N ARG A 242 3.87 3.95 -25.68
CA ARG A 242 2.45 4.14 -25.41
C ARG A 242 2.14 5.59 -25.77
N CYS A 243 1.36 5.80 -26.83
CA CYS A 243 1.09 7.14 -27.31
C CYS A 243 0.02 7.86 -26.49
N ALA A 244 0.33 9.07 -26.06
CA ALA A 244 -0.63 9.87 -25.32
C ALA A 244 -1.79 10.21 -26.23
N VAL A 245 -3.01 10.14 -25.71
CA VAL A 245 -4.21 10.37 -26.51
C VAL A 245 -5.07 11.45 -25.88
N ASP A 246 -5.13 12.60 -26.54
CA ASP A 246 -5.89 13.73 -26.04
C ASP A 246 -7.23 13.79 -26.77
N ARG A 247 -8.31 13.67 -26.01
CA ARG A 247 -9.65 13.62 -26.56
C ARG A 247 -10.44 14.94 -26.46
N HIS A 248 -9.79 15.98 -25.93
CA HIS A 248 -10.33 17.36 -25.87
C HIS A 248 -11.72 17.52 -25.25
N ASN A 255 -10.21 17.67 -32.75
CA ASN A 255 -10.99 16.96 -31.74
C ASN A 255 -10.40 15.63 -31.21
N LEU A 256 -9.28 15.20 -31.80
CA LEU A 256 -8.49 14.08 -31.30
C LEU A 256 -7.02 14.29 -31.64
N THR A 257 -6.14 14.01 -30.69
CA THR A 257 -4.70 14.18 -30.89
C THR A 257 -3.95 13.01 -30.30
N ILE A 258 -3.03 12.44 -31.07
CA ILE A 258 -2.17 11.38 -30.55
C ILE A 258 -0.72 11.76 -30.69
N LEU A 259 -0.03 11.71 -29.56
CA LEU A 259 1.35 12.16 -29.45
C LEU A 259 2.18 10.96 -29.03
N CYS A 260 3.12 10.56 -29.88
CA CYS A 260 3.93 9.39 -29.61
C CYS A 260 5.38 9.75 -29.36
N SER A 261 6.00 9.02 -28.43
CA SER A 261 7.44 8.98 -28.34
C SER A 261 7.89 7.92 -29.33
N ASP A 262 9.03 8.14 -29.98
CA ASP A 262 9.54 7.18 -30.95
C ASP A 262 11.04 6.99 -30.74
N SER A 263 11.45 5.77 -30.42
CA SER A 263 12.84 5.47 -30.09
C SER A 263 13.75 5.66 -31.30
N ASN A 264 13.23 5.34 -32.48
CA ASN A 264 13.97 5.41 -33.74
C ASN A 264 15.20 4.49 -33.81
N GLY A 265 15.28 3.56 -32.86
CA GLY A 265 16.40 2.62 -32.78
C GLY A 265 17.69 3.31 -32.39
N LYS A 266 18.70 3.21 -33.27
CA LYS A 266 20.00 3.82 -33.04
C LYS A 266 19.98 5.34 -33.11
N ASN A 267 19.11 5.88 -33.96
CA ASN A 267 18.91 7.33 -34.05
C ASN A 267 18.27 7.89 -32.76
N ARG A 268 18.45 9.19 -32.54
CA ARG A 268 17.91 9.85 -31.34
C ARG A 268 16.38 9.79 -31.31
N SER A 269 15.82 9.73 -30.10
CA SER A 269 14.37 9.65 -29.96
C SER A 269 13.71 10.97 -30.33
N SER A 270 12.52 10.87 -30.92
CA SER A 270 11.72 12.04 -31.26
C SER A 270 10.28 11.87 -30.77
N ALA A 271 9.43 12.83 -31.12
CA ALA A 271 8.01 12.79 -30.81
C ALA A 271 7.20 13.09 -32.06
N ARG A 272 6.24 12.24 -32.37
CA ARG A 272 5.40 12.46 -33.54
C ARG A 272 3.99 12.75 -33.07
N ILE A 273 3.35 13.71 -33.72
CA ILE A 273 2.01 14.11 -33.33
C ILE A 273 1.06 14.01 -34.51
N LEU A 274 -0.10 13.41 -34.28
CA LEU A 274 -1.13 13.29 -35.31
C LEU A 274 -2.41 14.00 -34.87
N GLN A 275 -2.87 14.94 -35.69
CA GLN A 275 -4.07 15.71 -35.39
C GLN A 275 -5.23 15.48 -36.35
N ILE A 276 -6.42 15.37 -35.76
CA ILE A 276 -7.65 15.04 -36.48
C ILE A 276 -8.73 16.07 -36.13
N ILE A 277 -9.32 16.68 -37.15
CA ILE A 277 -10.31 17.74 -36.94
C ILE A 277 -11.76 17.26 -37.22
N LYS A 278 -12.70 18.21 -37.26
CA LYS A 278 -14.14 17.93 -37.28
C LYS A 278 -14.66 17.24 -38.56
N GLY A 279 -14.81 15.92 -38.50
CA GLY A 279 -15.39 15.10 -39.57
C GLY A 279 -14.89 15.31 -41.00
N LYS A 280 -13.75 16.00 -41.12
CA LYS A 280 -13.13 16.36 -42.40
C LYS A 280 -12.80 15.13 -43.26
N ASP A 281 -13.17 15.20 -44.54
CA ASP A 281 -12.82 14.15 -45.50
C ASP A 281 -11.41 14.37 -46.04
N TYR A 282 -10.56 13.36 -45.85
CA TYR A 282 -9.17 13.39 -46.32
C TYR A 282 -9.03 12.64 -47.64
N GLU A 283 -8.20 13.20 -48.54
CA GLU A 283 -7.75 12.44 -49.71
C GLU A 283 -6.22 12.41 -49.82
N SER A 284 -5.57 13.31 -49.11
CA SER A 284 -4.15 13.17 -48.77
C SER A 284 -4.09 12.87 -47.28
N GLU A 285 -3.19 11.98 -46.89
CA GLU A 285 -3.00 11.62 -45.48
C GLU A 285 -2.75 12.85 -44.59
N PRO A 286 -3.25 12.82 -43.34
CA PRO A 286 -2.81 13.86 -42.43
C PRO A 286 -1.33 13.64 -42.17
N SER A 287 -0.58 14.73 -42.06
CA SER A 287 0.82 14.63 -41.75
C SER A 287 1.01 14.26 -40.28
N LEU A 288 1.91 13.31 -40.05
CA LEU A 288 2.28 12.89 -38.71
C LEU A 288 3.53 13.65 -38.34
N LEU A 289 3.34 14.86 -37.83
CA LEU A 289 4.40 15.85 -37.71
C LEU A 289 5.44 15.47 -36.64
N GLU A 290 6.71 15.44 -37.04
CA GLU A 290 7.80 15.07 -36.13
C GLU A 290 8.52 16.30 -35.56
N PHE A 291 8.83 16.21 -34.28
CA PHE A 291 9.65 17.21 -33.58
C PHE A 291 10.41 16.53 -32.45
N LYS A 292 11.54 17.10 -32.06
CA LYS A 292 12.43 16.48 -31.08
C LYS A 292 12.52 17.30 -29.78
N PRO A 293 11.56 17.12 -28.87
CA PRO A 293 11.54 17.88 -27.62
C PRO A 293 12.17 17.16 -26.41
N PHE A 294 12.70 15.95 -26.62
CA PHE A 294 13.23 15.16 -25.51
C PHE A 294 14.75 15.18 -25.46
N SER A 295 15.31 14.96 -24.26
CA SER A 295 16.75 15.00 -24.04
C SER A 295 17.33 13.76 -23.33
N ASN A 296 16.60 13.23 -22.34
CA ASN A 296 17.14 12.19 -21.46
C ASN A 296 17.47 10.86 -22.13
N GLY A 297 16.78 10.56 -23.23
CA GLY A 297 16.87 9.25 -23.86
C GLY A 297 15.49 8.61 -23.91
N PRO A 298 15.42 7.29 -24.22
CA PRO A 298 14.17 6.56 -24.52
C PRO A 298 13.06 6.71 -23.47
N LEU A 299 11.81 6.65 -23.93
CA LEU A 299 10.65 6.75 -23.04
C LEU A 299 9.74 5.56 -23.23
N VAL A 300 9.13 5.08 -22.15
CA VAL A 300 8.13 4.02 -22.25
C VAL A 300 6.93 4.52 -23.04
N GLY A 301 6.54 5.75 -22.77
CA GLY A 301 5.40 6.33 -23.43
C GLY A 301 4.83 7.42 -22.56
N GLY A 302 3.59 7.79 -22.82
CA GLY A 302 2.96 8.87 -22.08
C GLY A 302 1.44 8.83 -22.09
N PHE A 303 0.86 9.80 -21.38
CA PHE A 303 -0.58 9.94 -21.30
C PHE A 303 -0.95 11.41 -21.11
N VAL A 304 -2.22 11.74 -21.39
CA VAL A 304 -2.72 13.08 -21.11
C VAL A 304 -3.62 12.95 -19.90
N TYR A 305 -3.17 13.45 -18.76
CA TYR A 305 -3.90 13.25 -17.51
C TYR A 305 -5.17 14.08 -17.49
N ARG A 306 -6.30 13.40 -17.36
CA ARG A 306 -7.59 14.08 -17.22
C ARG A 306 -8.42 13.53 -16.06
N GLY A 307 -7.73 13.06 -15.02
CA GLY A 307 -8.38 12.61 -13.81
C GLY A 307 -8.87 13.75 -12.95
N CYS A 308 -9.27 13.42 -11.72
CA CYS A 308 -9.95 14.36 -10.84
C CYS A 308 -9.12 14.73 -9.60
N GLN A 309 -8.33 13.77 -9.10
CA GLN A 309 -7.58 13.95 -7.87
C GLN A 309 -6.55 15.09 -7.98
N SER A 310 -5.92 15.24 -9.13
CA SER A 310 -5.02 16.35 -9.36
C SER A 310 -5.66 17.50 -10.13
N GLU A 311 -5.71 18.68 -9.53
CA GLU A 311 -6.15 19.89 -10.24
C GLU A 311 -5.07 20.31 -11.22
N ARG A 312 -3.84 20.46 -10.73
CA ARG A 312 -2.75 21.05 -11.51
C ARG A 312 -2.36 20.22 -12.72
N LEU A 313 -2.41 18.90 -12.57
CA LEU A 313 -1.96 18.00 -13.64
C LEU A 313 -2.99 17.90 -14.74
N TYR A 314 -4.18 18.45 -14.50
CA TYR A 314 -5.26 18.34 -15.48
C TYR A 314 -4.80 18.87 -16.81
N GLY A 315 -4.99 18.07 -17.86
CA GLY A 315 -4.65 18.45 -19.23
C GLY A 315 -3.20 18.31 -19.64
N SER A 316 -2.33 17.90 -18.72
CA SER A 316 -0.91 17.80 -19.05
C SER A 316 -0.60 16.48 -19.74
N TYR A 317 0.27 16.56 -20.74
CA TYR A 317 0.88 15.36 -21.29
C TYR A 317 2.02 14.97 -20.37
N VAL A 318 2.01 13.71 -19.93
CA VAL A 318 3.04 13.21 -19.05
C VAL A 318 3.70 12.05 -19.74
N PHE A 319 5.02 12.12 -19.94
CA PHE A 319 5.77 10.97 -20.44
C PHE A 319 6.72 10.45 -19.35
N GLY A 320 6.95 9.14 -19.36
CA GLY A 320 7.82 8.54 -18.37
C GLY A 320 8.78 7.56 -18.98
N ASP A 321 10.02 7.60 -18.52
CA ASP A 321 11.02 6.64 -18.97
C ASP A 321 10.98 5.35 -18.15
N ARG A 322 11.78 4.38 -18.57
CA ARG A 322 11.80 3.03 -17.99
C ARG A 322 12.06 3.05 -16.48
N ASN A 323 12.90 3.99 -16.05
CA ASN A 323 13.34 4.05 -14.66
C ASN A 323 12.53 5.00 -13.81
N GLY A 324 11.43 5.49 -14.37
CA GLY A 324 10.51 6.36 -13.64
C GLY A 324 10.98 7.78 -13.50
N ASN A 325 11.52 8.34 -14.59
CA ASN A 325 11.73 9.77 -14.72
C ASN A 325 10.55 10.34 -15.47
N PHE A 326 9.88 11.35 -14.93
CA PHE A 326 8.67 11.86 -15.58
C PHE A 326 8.80 13.25 -16.20
N LEU A 327 8.07 13.44 -17.30
CA LEU A 327 8.07 14.68 -18.06
C LEU A 327 6.69 15.26 -18.16
N THR A 328 6.66 16.50 -18.61
CA THR A 328 5.46 17.12 -19.09
C THR A 328 5.82 17.75 -20.41
N LEU A 329 5.03 17.47 -21.45
CA LEU A 329 5.10 18.25 -22.67
C LEU A 329 4.03 19.33 -22.65
N GLN A 330 4.44 20.57 -22.44
CA GLN A 330 3.47 21.67 -22.54
C GLN A 330 3.64 22.44 -23.84
N GLN A 331 2.54 22.58 -24.56
CA GLN A 331 2.54 23.37 -25.77
C GLN A 331 2.15 24.82 -25.46
N SER A 332 2.97 25.77 -25.87
CA SER A 332 2.64 27.17 -25.67
C SER A 332 1.38 27.48 -26.49
N PRO A 333 0.33 28.01 -25.84
CA PRO A 333 -0.80 28.52 -26.62
C PRO A 333 -0.37 29.63 -27.58
N VAL A 334 0.57 30.47 -27.15
CA VAL A 334 0.98 31.65 -27.96
C VAL A 334 1.91 31.34 -29.14
N THR A 335 2.88 30.41 -28.86
CA THR A 335 3.93 30.14 -29.85
C THR A 335 3.72 28.80 -30.52
N LYS A 336 2.78 28.03 -29.97
CA LYS A 336 2.42 26.70 -30.49
C LYS A 336 3.56 25.68 -30.46
N GLN A 337 4.73 26.11 -29.99
CA GLN A 337 5.90 25.25 -29.84
C GLN A 337 5.81 24.40 -28.56
N TRP A 338 6.62 23.33 -28.49
CA TRP A 338 6.58 22.37 -27.37
C TRP A 338 7.74 22.49 -26.40
N GLN A 339 7.47 22.21 -25.13
CA GLN A 339 8.49 22.31 -24.10
C GLN A 339 8.43 21.19 -23.06
N GLU A 340 9.52 20.43 -22.95
CA GLU A 340 9.61 19.38 -21.93
C GLU A 340 9.99 19.99 -20.58
N LYS A 341 9.29 19.56 -19.53
CA LYS A 341 9.57 19.99 -18.17
C LYS A 341 9.60 18.77 -17.26
N PRO A 342 10.56 18.73 -16.33
CA PRO A 342 10.70 17.58 -15.45
C PRO A 342 9.57 17.53 -14.43
N LEU A 343 9.44 16.42 -13.73
CA LEU A 343 8.32 16.18 -12.84
C LEU A 343 8.83 15.25 -11.77
N CYS A 344 8.99 15.75 -10.56
CA CYS A 344 9.63 14.96 -9.51
C CYS A 344 8.63 14.10 -8.75
N LEU A 345 9.12 13.00 -8.19
CA LEU A 345 8.39 12.21 -7.22
C LEU A 345 8.99 12.45 -5.85
N GLY A 346 8.13 12.44 -4.84
CA GLY A 346 8.56 12.67 -3.47
C GLY A 346 7.72 11.92 -2.47
N THR A 347 8.37 11.34 -1.49
CA THR A 347 7.64 10.56 -0.49
C THR A 347 7.06 11.45 0.59
N SER A 348 5.80 11.17 0.94
CA SER A 348 5.11 11.79 2.05
C SER A 348 4.11 10.78 2.60
N GLY A 349 4.39 10.25 3.79
CA GLY A 349 3.64 9.12 4.34
C GLY A 349 3.87 7.87 3.49
N SER A 350 3.02 6.87 3.63
CA SER A 350 3.22 5.64 2.88
C SER A 350 3.17 5.86 1.36
N CYS A 351 2.85 7.09 0.95
CA CYS A 351 2.84 7.47 -0.46
C CYS A 351 4.23 7.97 -0.81
N ARG A 352 4.96 7.18 -1.61
CA ARG A 352 6.42 7.28 -1.65
C ARG A 352 6.97 7.81 -2.97
N GLY A 353 8.24 8.26 -2.92
CA GLY A 353 8.89 8.86 -4.06
C GLY A 353 9.60 7.87 -4.97
N TYR A 354 9.30 6.58 -4.80
CA TYR A 354 9.97 5.54 -5.57
C TYR A 354 9.10 4.31 -5.67
N PHE A 355 9.29 3.55 -6.73
CA PHE A 355 8.65 2.26 -6.88
C PHE A 355 9.71 1.20 -7.08
N SER A 356 9.32 -0.06 -6.95
CA SER A 356 10.21 -1.18 -7.24
C SER A 356 10.33 -1.46 -8.72
N GLY A 357 11.52 -1.81 -9.16
CA GLY A 357 11.76 -2.27 -10.52
C GLY A 357 11.73 -1.22 -11.61
N HIS A 358 11.23 -1.61 -12.79
CA HIS A 358 11.18 -0.75 -13.96
C HIS A 358 9.77 -0.69 -14.51
N ILE A 359 9.45 0.40 -15.20
CA ILE A 359 8.10 0.64 -15.70
C ILE A 359 7.89 -0.11 -17.00
N LEU A 360 6.76 -0.80 -17.10
CA LEU A 360 6.42 -1.54 -18.31
C LEU A 360 5.29 -0.91 -19.12
N GLY A 361 4.52 -0.04 -18.48
CA GLY A 361 3.40 0.63 -19.12
C GLY A 361 2.56 1.40 -18.12
N PHE A 362 1.45 1.95 -18.58
CA PHE A 362 0.65 2.87 -17.80
C PHE A 362 -0.81 2.45 -17.68
N GLY A 363 -1.53 3.08 -16.76
CA GLY A 363 -2.91 2.69 -16.47
C GLY A 363 -3.82 3.88 -16.39
N GLU A 364 -5.11 3.66 -16.69
CA GLU A 364 -6.12 4.70 -16.59
C GLU A 364 -7.41 4.17 -15.96
N ASP A 365 -7.87 4.86 -14.91
CA ASP A 365 -9.17 4.65 -14.26
C ASP A 365 -10.34 5.02 -15.13
N GLU A 366 -11.50 4.47 -14.81
CA GLU A 366 -12.76 5.04 -15.29
C GLU A 366 -12.85 6.49 -14.87
N LEU A 367 -12.46 6.78 -13.63
CA LEU A 367 -12.40 8.15 -13.10
C LEU A 367 -11.26 8.99 -13.68
N GLY A 368 -10.40 8.36 -14.49
CA GLY A 368 -9.37 9.10 -15.21
C GLY A 368 -8.05 9.21 -14.47
N GLU A 369 -7.99 8.62 -13.28
CA GLU A 369 -6.75 8.55 -12.51
C GLU A 369 -5.74 7.63 -13.18
N VAL A 370 -4.48 7.78 -12.82
CA VAL A 370 -3.41 7.28 -13.65
C VAL A 370 -2.42 6.39 -12.88
N TYR A 371 -1.92 5.35 -13.55
CA TYR A 371 -1.12 4.33 -12.89
C TYR A 371 0.19 4.05 -13.62
N ILE A 372 1.16 3.48 -12.90
CA ILE A 372 2.25 2.81 -13.57
C ILE A 372 2.24 1.35 -13.21
N LEU A 373 2.61 0.52 -14.18
CA LEU A 373 2.76 -0.92 -13.99
C LEU A 373 4.23 -1.28 -14.11
N SER A 374 4.74 -1.97 -13.10
CA SER A 374 6.16 -2.20 -12.99
C SER A 374 6.45 -3.66 -12.79
N SER A 375 7.69 -4.05 -13.08
CA SER A 375 8.16 -5.38 -12.76
C SER A 375 9.63 -5.36 -12.42
N SER A 376 10.07 -6.40 -11.71
CA SER A 376 11.46 -6.54 -11.27
C SER A 376 11.91 -7.99 -11.33
N LYS A 377 13.05 -8.21 -12.00
CA LYS A 377 13.65 -9.55 -12.15
C LYS A 377 14.35 -10.02 -10.88
N THR A 382 10.29 -14.55 -9.72
CA THR A 382 9.61 -14.39 -11.00
C THR A 382 8.09 -14.49 -10.85
N HIS A 383 7.41 -13.36 -11.05
CA HIS A 383 5.96 -13.14 -10.79
C HIS A 383 5.74 -11.89 -9.93
N ASN A 384 6.48 -10.82 -10.24
CA ASN A 384 6.57 -9.63 -9.38
C ASN A 384 5.96 -8.35 -9.92
N GLY A 385 5.08 -8.47 -10.90
CA GLY A 385 4.38 -7.31 -11.48
C GLY A 385 3.61 -6.53 -10.44
N LYS A 386 3.68 -5.21 -10.52
CA LYS A 386 3.02 -4.34 -9.55
C LYS A 386 2.24 -3.24 -10.23
N LEU A 387 1.12 -2.87 -9.61
CA LEU A 387 0.38 -1.70 -10.06
C LEU A 387 0.47 -0.64 -8.99
N TYR A 388 0.93 0.55 -9.41
CA TYR A 388 1.08 1.71 -8.54
C TYR A 388 0.22 2.88 -9.05
N LYS A 389 -0.37 3.64 -8.13
CA LYS A 389 -1.16 4.82 -8.53
C LYS A 389 -0.40 6.11 -8.29
N ILE A 390 -0.39 6.98 -9.30
CA ILE A 390 0.24 8.30 -9.18
C ILE A 390 -0.71 9.25 -8.45
N VAL A 391 -0.19 9.96 -7.46
CA VAL A 391 -1.00 10.73 -6.52
C VAL A 391 -0.49 12.16 -6.34
N ASP A 392 -1.41 13.11 -6.29
CA ASP A 392 -1.07 14.49 -5.98
C ASP A 392 -1.32 14.71 -4.48
N PRO A 393 -0.24 14.84 -3.69
CA PRO A 393 -0.38 14.88 -2.21
C PRO A 393 -0.85 16.22 -1.70
N LYS A 394 -0.94 17.20 -2.58
CA LYS A 394 -1.43 18.52 -2.23
C LYS A 394 -2.96 18.48 -2.17
N ARG A 395 -3.54 17.55 -2.92
CA ARG A 395 -4.99 17.37 -2.92
C ARG A 395 -5.39 16.15 -2.11
N PRO A 396 -6.62 16.12 -1.61
CA PRO A 396 -7.12 14.95 -0.91
C PRO A 396 -7.27 13.75 -1.83
N LEU A 397 -7.37 12.56 -1.25
CA LEU A 397 -7.59 11.38 -2.06
C LEU A 397 -9.00 11.39 -2.63
N PRO A 399 -11.58 14.35 -3.03
CA PRO A 399 -12.23 15.66 -3.06
C PRO A 399 -13.71 15.58 -3.42
N GLU A 400 -14.46 16.62 -3.07
CA GLU A 400 -15.90 16.66 -3.31
C GLU A 400 -16.23 16.35 -4.77
N GLU A 401 -15.56 17.03 -5.69
CA GLU A 401 -15.81 16.88 -7.13
C GLU A 401 -15.62 15.45 -7.65
N CYS A 402 -14.84 14.65 -6.93
CA CYS A 402 -14.39 13.36 -7.44
C CYS A 402 -15.28 12.19 -7.08
N ARG A 403 -16.20 12.40 -6.13
CA ARG A 403 -17.12 11.34 -5.73
C ARG A 403 -17.92 10.86 -6.94
N ALA A 404 -18.13 9.56 -7.03
CA ALA A 404 -18.91 8.97 -8.12
C ALA A 404 -19.46 7.60 -7.73
N THR A 405 -20.72 7.36 -8.06
CA THR A 405 -21.36 6.07 -7.75
C THR A 405 -21.00 5.04 -8.80
N VAL A 406 -20.45 3.92 -8.33
CA VAL A 406 -20.11 2.79 -9.18
C VAL A 406 -21.39 2.06 -9.59
N GLN A 407 -21.56 1.87 -10.90
CA GLN A 407 -22.69 1.12 -11.41
C GLN A 407 -22.21 -0.24 -11.90
N PRO A 408 -22.44 -1.28 -11.07
CA PRO A 408 -21.80 -2.57 -11.24
C PRO A 408 -22.13 -3.16 -12.60
N ALA A 409 -21.12 -3.78 -13.21
CA ALA A 409 -21.24 -4.41 -14.53
C ALA A 409 -22.39 -5.38 -14.56
N GLN A 410 -23.09 -5.38 -15.69
CA GLN A 410 -24.36 -6.05 -15.82
C GLN A 410 -24.36 -6.97 -17.03
N THR A 411 -25.05 -8.11 -16.91
CA THR A 411 -25.18 -9.03 -18.05
C THR A 411 -25.81 -8.30 -19.23
N LEU A 412 -25.32 -8.62 -20.43
CA LEU A 412 -25.86 -8.09 -21.67
C LEU A 412 -27.37 -8.33 -21.80
N THR A 413 -28.07 -7.32 -22.31
CA THR A 413 -29.50 -7.41 -22.57
C THR A 413 -29.80 -6.96 -23.99
N SER A 414 -28.74 -6.73 -24.78
CA SER A 414 -28.91 -6.28 -26.17
C SER A 414 -29.63 -7.34 -27.00
N GLU A 415 -30.49 -6.88 -27.91
CA GLU A 415 -31.31 -7.78 -28.71
C GLU A 415 -30.48 -8.82 -29.48
N CYS A 416 -29.41 -8.37 -30.14
CA CYS A 416 -28.55 -9.28 -30.90
C CYS A 416 -27.82 -10.27 -29.99
N SER A 417 -27.44 -9.82 -28.80
CA SER A 417 -26.72 -10.66 -27.84
C SER A 417 -27.55 -11.84 -27.30
N ARG A 418 -28.86 -11.65 -27.19
CA ARG A 418 -29.73 -12.69 -26.67
C ARG A 418 -30.32 -13.57 -27.75
N LEU A 419 -30.87 -12.95 -28.79
CA LEU A 419 -31.59 -13.67 -29.82
C LEU A 419 -30.71 -14.28 -30.90
N CYS A 420 -29.63 -13.59 -31.27
CA CYS A 420 -28.75 -14.03 -32.38
C CYS A 420 -28.20 -15.43 -32.15
N ARG A 421 -29.00 -16.42 -32.57
CA ARG A 421 -28.84 -17.84 -32.24
C ARG A 421 -27.40 -18.32 -32.39
N ASN A 422 -26.96 -18.53 -33.62
CA ASN A 422 -25.54 -18.68 -33.93
C ASN A 422 -25.16 -18.25 -35.34
N GLY A 423 -23.89 -17.84 -35.44
CA GLY A 423 -23.42 -16.87 -36.42
C GLY A 423 -23.01 -15.73 -35.52
N TYR A 424 -22.18 -14.82 -36.02
CA TYR A 424 -21.70 -13.71 -35.20
C TYR A 424 -22.65 -12.52 -35.16
N CYS A 425 -22.20 -11.45 -34.52
CA CYS A 425 -23.10 -10.40 -34.07
C CYS A 425 -22.29 -9.09 -33.98
N THR A 426 -22.47 -8.23 -34.99
CA THR A 426 -21.65 -7.02 -35.19
C THR A 426 -21.90 -5.94 -34.14
N PRO A 427 -20.88 -5.11 -33.83
CA PRO A 427 -21.07 -4.10 -32.78
C PRO A 427 -22.28 -3.18 -32.97
N THR A 428 -22.82 -3.13 -34.18
CA THR A 428 -24.01 -2.34 -34.49
C THR A 428 -25.30 -3.02 -34.02
N GLY A 429 -25.26 -4.34 -33.91
CA GLY A 429 -26.41 -5.12 -33.47
C GLY A 429 -26.93 -6.06 -34.55
N LYS A 430 -26.30 -6.03 -35.72
CA LYS A 430 -26.68 -6.91 -36.82
C LYS A 430 -26.20 -8.33 -36.56
N CYS A 431 -27.07 -9.30 -36.86
CA CYS A 431 -26.74 -10.70 -36.68
C CYS A 431 -26.43 -11.34 -38.03
N CYS A 432 -25.16 -11.70 -38.23
CA CYS A 432 -24.69 -12.30 -39.48
C CYS A 432 -24.74 -13.82 -39.46
N CYS A 433 -25.60 -14.38 -40.31
CA CYS A 433 -25.89 -15.82 -40.29
C CYS A 433 -24.76 -16.66 -40.85
N SER A 434 -24.44 -17.73 -40.13
CA SER A 434 -23.53 -18.75 -40.62
C SER A 434 -24.21 -19.51 -41.75
N PRO A 435 -23.42 -19.99 -42.73
CA PRO A 435 -23.98 -20.70 -43.89
C PRO A 435 -25.20 -21.55 -43.55
N GLY A 436 -26.33 -21.22 -44.15
CA GLY A 436 -27.54 -22.03 -44.01
C GLY A 436 -28.51 -21.60 -42.94
N TRP A 437 -28.34 -20.37 -42.45
CA TRP A 437 -29.30 -19.80 -41.51
C TRP A 437 -29.80 -18.46 -42.04
N GLU A 438 -31.08 -18.18 -41.79
CA GLU A 438 -31.66 -16.89 -42.19
C GLU A 438 -32.63 -16.36 -41.15
N GLY A 439 -32.94 -15.08 -41.27
CA GLY A 439 -33.75 -14.37 -40.30
C GLY A 439 -32.92 -13.32 -39.59
N ASP A 440 -33.58 -12.26 -39.12
CA ASP A 440 -32.94 -11.14 -38.44
C ASP A 440 -31.95 -11.62 -37.39
N PHE A 441 -32.21 -12.77 -36.79
CA PHE A 441 -31.33 -13.35 -35.78
C PHE A 441 -31.01 -14.81 -36.07
N CYS A 442 -31.15 -15.18 -37.35
CA CYS A 442 -30.64 -16.44 -37.89
C CYS A 442 -31.27 -17.68 -37.26
N ARG A 443 -32.50 -17.57 -36.81
CA ARG A 443 -33.13 -18.67 -36.08
C ARG A 443 -33.78 -19.69 -37.01
N THR A 444 -33.94 -19.32 -38.28
CA THR A 444 -34.56 -20.21 -39.26
C THR A 444 -33.50 -20.96 -40.07
N ALA A 445 -33.70 -22.27 -40.24
CA ALA A 445 -32.76 -23.09 -40.99
C ALA A 445 -33.14 -23.21 -42.46
N LYS A 446 -32.13 -23.38 -43.30
CA LYS A 446 -32.26 -23.35 -44.74
C LYS A 446 -32.15 -24.78 -45.29
N CYS A 447 -33.24 -25.28 -45.87
CA CYS A 447 -33.23 -26.60 -46.50
C CYS A 447 -33.38 -26.48 -48.03
N GLU A 448 -32.29 -26.80 -48.74
CA GLU A 448 -32.06 -26.42 -50.15
C GLU A 448 -33.25 -26.71 -51.04
N PRO A 449 -33.54 -28.01 -51.32
CA PRO A 449 -34.94 -28.36 -51.62
C PRO A 449 -35.66 -28.56 -50.28
N ALA A 450 -36.86 -28.02 -50.16
CA ALA A 450 -37.61 -28.02 -48.91
C ALA A 450 -37.89 -29.41 -48.33
N CYS A 451 -38.24 -29.46 -47.05
CA CYS A 451 -38.73 -30.70 -46.45
C CYS A 451 -40.17 -30.93 -46.90
N ARG A 452 -40.50 -32.19 -47.20
CA ARG A 452 -41.85 -32.49 -47.67
C ARG A 452 -42.68 -33.20 -46.59
N HIS A 453 -43.95 -33.42 -46.90
CA HIS A 453 -44.89 -34.16 -46.05
C HIS A 453 -44.81 -33.80 -44.57
N GLY A 454 -44.91 -32.51 -44.28
CA GLY A 454 -44.97 -32.06 -42.90
C GLY A 454 -43.63 -32.04 -42.21
N GLY A 455 -42.57 -32.32 -42.97
CA GLY A 455 -41.21 -32.34 -42.42
C GLY A 455 -40.76 -30.96 -41.98
N VAL A 456 -39.86 -30.94 -40.99
CA VAL A 456 -39.38 -29.71 -40.35
C VAL A 456 -37.90 -29.52 -40.62
N CYS A 457 -37.53 -28.30 -41.03
CA CYS A 457 -36.13 -27.96 -41.34
C CYS A 457 -35.39 -27.54 -40.05
N VAL A 458 -34.88 -28.54 -39.33
CA VAL A 458 -34.28 -28.32 -38.00
C VAL A 458 -32.89 -27.67 -38.03
N ARG A 459 -32.05 -28.16 -38.93
CA ARG A 459 -30.70 -27.61 -39.15
C ARG A 459 -30.57 -27.34 -40.65
N PRO A 460 -29.48 -26.65 -41.08
CA PRO A 460 -29.30 -26.44 -42.51
C PRO A 460 -29.25 -27.77 -43.24
N ASN A 461 -30.20 -27.96 -44.16
CA ASN A 461 -30.32 -29.19 -44.96
C ASN A 461 -30.57 -30.46 -44.17
N LYS A 462 -31.14 -30.30 -42.98
CA LYS A 462 -31.54 -31.46 -42.20
C LYS A 462 -33.05 -31.44 -42.00
N CYS A 463 -33.74 -32.43 -42.55
CA CYS A 463 -35.17 -32.57 -42.36
C CYS A 463 -35.47 -33.53 -41.23
N LEU A 464 -36.42 -33.14 -40.39
CA LEU A 464 -36.98 -34.03 -39.39
C LEU A 464 -38.35 -34.50 -39.89
N CYS A 465 -38.38 -35.73 -40.39
CA CYS A 465 -39.59 -36.26 -41.02
C CYS A 465 -40.56 -36.90 -40.04
N LYS A 466 -41.84 -36.84 -40.40
CA LYS A 466 -42.87 -37.55 -39.64
C LYS A 466 -42.69 -39.05 -39.90
N LYS A 467 -43.01 -39.87 -38.90
CA LYS A 467 -42.92 -41.33 -39.04
C LYS A 467 -43.56 -41.72 -40.36
N GLY A 468 -42.87 -42.55 -41.13
CA GLY A 468 -43.42 -43.03 -42.41
C GLY A 468 -42.86 -42.38 -43.66
N TYR A 469 -42.07 -41.32 -43.49
CA TYR A 469 -41.46 -40.67 -44.64
C TYR A 469 -39.95 -40.72 -44.55
N LEU A 470 -39.38 -41.60 -45.36
CA LEU A 470 -37.93 -41.74 -45.50
C LEU A 470 -37.39 -40.75 -46.53
N GLY A 471 -36.07 -40.63 -46.61
CA GLY A 471 -35.43 -39.78 -47.61
C GLY A 471 -34.99 -38.44 -47.06
N PRO A 472 -33.90 -37.86 -47.61
CA PRO A 472 -33.32 -36.62 -47.09
C PRO A 472 -34.30 -35.44 -46.99
N GLN A 473 -35.35 -35.46 -47.82
CA GLN A 473 -36.36 -34.40 -47.84
C GLN A 473 -37.74 -34.91 -47.41
N CYS A 474 -37.77 -36.14 -46.88
CA CYS A 474 -39.02 -36.83 -46.50
C CYS A 474 -39.86 -37.19 -47.71
N GLU A 475 -39.24 -37.19 -48.89
CA GLU A 475 -39.97 -37.33 -50.15
C GLU A 475 -40.65 -38.70 -50.32
N HIS A 476 -40.04 -39.76 -49.79
CA HIS A 476 -40.52 -41.13 -50.00
C HIS A 476 -41.40 -41.63 -48.86
N HIS A 477 -42.22 -42.63 -49.14
CA HIS A 477 -43.06 -43.26 -48.14
C HIS A 477 -43.00 -44.78 -48.22
N HIS B 22 -21.04 11.40 3.31
CA HIS B 22 -19.90 10.45 3.46
C HIS B 22 -18.79 11.09 4.27
N ASN B 23 -18.61 10.60 5.51
CA ASN B 23 -17.57 11.10 6.41
C ASN B 23 -16.63 10.00 6.89
N CYS B 24 -16.49 8.96 6.08
CA CYS B 24 -15.71 7.78 6.46
C CYS B 24 -14.22 8.00 6.41
N PHE B 25 -13.51 7.22 7.22
CA PHE B 25 -12.07 7.24 7.19
C PHE B 25 -11.53 6.12 6.32
N CYS B 26 -10.21 6.03 6.27
CA CYS B 26 -9.54 5.38 5.17
C CYS B 26 -8.28 4.66 5.66
N ILE B 27 -8.11 3.41 5.25
CA ILE B 27 -6.98 2.62 5.74
C ILE B 27 -5.93 2.32 4.67
N GLN B 28 -4.69 2.72 4.93
CA GLN B 28 -3.60 2.57 3.95
C GLN B 28 -2.49 1.64 4.45
N GLU B 29 -2.11 0.67 3.62
CA GLU B 29 -1.08 -0.30 4.02
C GLU B 29 0.33 0.26 3.89
N VAL B 30 1.03 0.31 5.02
CA VAL B 30 2.35 0.92 5.09
C VAL B 30 3.47 -0.11 4.98
N VAL B 31 3.43 -1.11 5.85
CA VAL B 31 4.43 -2.17 5.86
C VAL B 31 3.72 -3.52 6.06
N SER B 32 4.25 -4.57 5.44
CA SER B 32 3.77 -5.93 5.68
C SER B 32 4.93 -6.82 6.14
N GLY B 33 4.74 -8.14 6.11
CA GLY B 33 5.80 -9.07 6.48
C GLY B 33 6.33 -9.01 7.90
N LEU B 34 5.60 -8.35 8.78
CA LEU B 34 5.97 -8.28 10.20
C LEU B 34 5.68 -9.59 10.92
N ARG B 35 6.08 -9.69 12.19
CA ARG B 35 5.78 -10.90 12.95
C ARG B 35 5.13 -10.56 14.27
N GLN B 36 3.82 -10.74 14.31
CA GLN B 36 3.00 -10.34 15.46
C GLN B 36 3.35 -8.96 16.00
N PRO B 37 2.99 -7.90 15.24
CA PRO B 37 3.16 -6.56 15.74
C PRO B 37 2.27 -6.33 16.95
N VAL B 38 2.80 -5.58 17.92
CA VAL B 38 2.11 -5.32 19.18
C VAL B 38 1.66 -3.87 19.24
N GLY B 39 2.33 -3.02 18.47
CA GLY B 39 2.13 -1.58 18.54
C GLY B 39 3.31 -0.84 17.95
N ALA B 40 3.20 0.48 17.85
CA ALA B 40 4.29 1.27 17.31
C ALA B 40 4.33 2.68 17.93
N LEU B 41 5.53 3.22 18.09
CA LEU B 41 5.70 4.61 18.54
C LEU B 41 6.97 5.27 17.98
N HIS B 42 7.23 6.51 18.39
CA HIS B 42 8.44 7.23 18.01
C HIS B 42 9.23 7.72 19.25
N SER B 43 10.47 8.15 19.01
CA SER B 43 11.36 8.56 20.12
C SER B 43 11.29 10.04 20.48
N GLY B 44 10.67 10.84 19.63
CA GLY B 44 10.63 12.27 19.83
C GLY B 44 12.05 12.78 19.84
N ASP B 45 12.82 12.37 18.83
CA ASP B 45 14.21 12.78 18.71
C ASP B 45 14.46 13.59 17.43
N GLY B 46 13.41 13.75 16.63
CA GLY B 46 13.48 14.58 15.44
C GLY B 46 13.41 13.78 14.16
N SER B 47 14.11 12.66 14.13
CA SER B 47 14.05 11.69 13.04
C SER B 47 12.67 11.11 13.08
N GLN B 48 11.96 11.07 11.96
CA GLN B 48 10.59 10.58 12.00
C GLN B 48 10.50 9.05 12.04
N ARG B 49 11.48 8.45 12.72
CA ARG B 49 11.57 7.01 12.92
C ARG B 49 10.37 6.47 13.68
N LEU B 50 9.82 5.35 13.19
CA LEU B 50 8.74 4.65 13.87
C LEU B 50 9.25 3.28 14.29
N PHE B 51 8.98 2.93 15.54
CA PHE B 51 9.49 1.71 16.13
C PHE B 51 8.36 0.72 16.30
N ILE B 52 8.45 -0.40 15.59
CA ILE B 52 7.42 -1.43 15.57
C ILE B 52 7.74 -2.52 16.58
N LEU B 53 6.80 -2.80 17.50
CA LEU B 53 7.03 -3.83 18.50
C LEU B 53 6.55 -5.17 17.98
N GLU B 54 7.38 -6.19 18.13
CA GLU B 54 6.99 -7.55 17.79
C GLU B 54 6.96 -8.39 19.06
N LYS B 55 5.88 -9.17 19.19
CA LYS B 55 5.53 -9.85 20.44
C LYS B 55 6.60 -10.84 20.90
N GLU B 56 7.26 -11.46 19.94
CA GLU B 56 8.33 -12.39 20.22
C GLU B 56 9.56 -11.70 20.80
N GLY B 57 9.54 -10.35 20.84
CA GLY B 57 10.63 -9.59 21.45
C GLY B 57 11.63 -8.98 20.48
N TYR B 58 11.10 -8.28 19.48
CA TYR B 58 11.90 -7.52 18.54
C TYR B 58 11.32 -6.09 18.44
N VAL B 59 12.19 -5.10 18.28
CA VAL B 59 11.74 -3.76 17.92
C VAL B 59 12.41 -3.40 16.60
N LYS B 60 11.59 -3.09 15.59
CA LYS B 60 12.11 -2.75 14.28
C LYS B 60 11.92 -1.28 14.00
N ILE B 61 12.76 -0.75 13.12
CA ILE B 61 12.68 0.64 12.73
C ILE B 61 12.13 0.74 11.31
N LEU B 62 11.08 1.54 11.16
CA LEU B 62 10.62 1.94 9.84
C LEU B 62 11.04 3.37 9.64
N THR B 63 11.80 3.62 8.57
CA THR B 63 12.32 4.94 8.31
C THR B 63 11.23 5.82 7.71
N PRO B 64 11.40 7.14 7.78
CA PRO B 64 10.36 8.01 7.26
C PRO B 64 10.22 7.87 5.75
N GLU B 65 11.25 7.33 5.11
CA GLU B 65 11.24 7.07 3.67
C GLU B 65 10.74 5.66 3.36
N GLY B 66 10.31 4.95 4.37
CA GLY B 66 9.55 3.72 4.16
C GLY B 66 10.29 2.41 4.16
N GLU B 67 11.47 2.35 4.79
CA GLU B 67 12.25 1.10 4.86
C GLU B 67 12.33 0.52 6.25
N ILE B 68 12.13 -0.79 6.38
CA ILE B 68 12.39 -1.46 7.65
C ILE B 68 13.86 -1.88 7.66
N PHE B 69 14.60 -1.37 8.64
CA PHE B 69 16.02 -1.67 8.70
C PHE B 69 16.23 -3.16 8.89
N LYS B 70 17.13 -3.73 8.10
CA LYS B 70 17.36 -5.18 8.10
C LYS B 70 17.67 -5.71 9.49
N GLU B 71 18.38 -4.91 10.29
CA GLU B 71 18.75 -5.25 11.64
C GLU B 71 17.75 -4.62 12.64
N PRO B 72 17.30 -5.39 13.64
CA PRO B 72 16.35 -4.82 14.59
C PRO B 72 17.02 -3.80 15.50
N TYR B 73 16.26 -2.79 15.90
CA TYR B 73 16.71 -1.82 16.87
C TYR B 73 16.96 -2.54 18.17
N LEU B 74 16.03 -3.42 18.52
CA LEU B 74 16.12 -4.19 19.75
C LEU B 74 15.75 -5.64 19.46
N ASP B 75 16.65 -6.55 19.82
CA ASP B 75 16.35 -7.97 19.70
C ASP B 75 16.62 -8.65 21.02
N ILE B 76 15.53 -9.03 21.70
CA ILE B 76 15.60 -9.68 23.01
C ILE B 76 14.68 -10.89 23.03
N HIS B 77 14.68 -11.63 21.92
CA HIS B 77 13.71 -12.69 21.71
C HIS B 77 13.91 -13.93 22.58
N LYS B 78 15.15 -14.24 22.96
CA LYS B 78 15.36 -15.35 23.90
C LYS B 78 15.16 -14.94 25.35
N LEU B 79 15.50 -13.69 25.68
CA LEU B 79 15.18 -13.15 27.00
C LEU B 79 13.68 -13.16 27.29
N VAL B 80 12.87 -12.95 26.27
CA VAL B 80 11.42 -12.85 26.43
C VAL B 80 10.71 -14.20 26.26
N GLN B 81 9.73 -14.46 27.13
CA GLN B 81 8.89 -15.64 27.00
C GLN B 81 7.59 -15.22 26.37
N SER B 82 7.39 -15.63 25.12
CA SER B 82 6.23 -15.20 24.35
C SER B 82 5.23 -16.33 24.25
N GLY B 83 4.12 -16.05 23.57
CA GLY B 83 3.04 -17.00 23.40
C GLY B 83 3.40 -18.37 22.84
N ILE B 84 2.49 -19.31 23.05
CA ILE B 84 2.51 -20.60 22.37
C ILE B 84 1.17 -20.71 21.63
N LYS B 85 0.09 -20.34 22.32
CA LYS B 85 -1.28 -20.47 21.80
C LYS B 85 -1.96 -19.13 21.52
N GLY B 86 -3.29 -19.14 21.57
CA GLY B 86 -4.12 -18.01 21.15
C GLY B 86 -4.12 -16.84 22.10
N GLY B 87 -4.83 -17.00 23.22
CA GLY B 87 -4.96 -15.95 24.23
C GLY B 87 -3.75 -15.80 25.15
N ASP B 88 -2.58 -16.16 24.65
CA ASP B 88 -1.35 -16.15 25.44
C ASP B 88 -0.71 -14.76 25.46
N GLU B 89 -1.03 -13.98 26.48
CA GLU B 89 -0.67 -12.57 26.53
C GLU B 89 0.86 -12.30 26.65
N ARG B 90 1.61 -13.34 27.00
CA ARG B 90 3.07 -13.28 27.20
C ARG B 90 3.85 -12.81 26.00
N GLY B 91 4.94 -12.07 26.26
CA GLY B 91 5.85 -11.59 25.21
C GLY B 91 6.27 -10.16 25.45
N LEU B 92 6.75 -9.49 24.40
CA LEU B 92 7.03 -8.05 24.47
C LEU B 92 5.73 -7.27 24.61
N LEU B 93 5.66 -6.43 25.64
CA LEU B 93 4.39 -5.80 26.00
C LEU B 93 4.32 -4.34 25.60
N SER B 94 5.31 -3.55 26.02
CA SER B 94 5.28 -2.12 25.75
C SER B 94 6.68 -1.52 25.71
N LEU B 95 6.80 -0.39 25.02
CA LEU B 95 8.04 0.36 24.95
C LEU B 95 7.77 1.84 25.11
N ALA B 96 8.55 2.51 25.96
CA ALA B 96 8.49 3.96 26.11
C ALA B 96 9.89 4.57 26.02
N PHE B 97 10.02 5.68 25.31
CA PHE B 97 11.30 6.39 25.24
C PHE B 97 11.34 7.51 26.27
N HIS B 98 12.51 7.74 26.86
CA HIS B 98 12.68 8.88 27.76
C HIS B 98 12.33 10.20 27.07
N PRO B 99 11.62 11.09 27.79
CA PRO B 99 11.35 12.42 27.23
C PRO B 99 12.59 13.13 26.66
N ASN B 100 13.79 12.68 27.05
CA ASN B 100 15.05 13.25 26.58
C ASN B 100 15.98 12.24 25.89
N TYR B 101 15.38 11.25 25.25
CA TYR B 101 16.11 10.27 24.49
C TYR B 101 17.10 10.92 23.52
N LYS B 102 16.73 12.07 22.96
CA LYS B 102 17.59 12.73 21.99
C LYS B 102 18.95 13.08 22.59
N LYS B 103 18.98 13.22 23.92
CA LYS B 103 20.20 13.57 24.65
C LYS B 103 20.82 12.37 25.37
N ASN B 104 20.00 11.64 26.11
CA ASN B 104 20.46 10.53 26.96
C ASN B 104 20.22 9.12 26.42
N GLY B 105 19.41 9.02 25.37
CA GLY B 105 19.20 7.75 24.68
C GLY B 105 18.61 6.62 25.50
N LYS B 106 17.65 6.95 26.35
CA LYS B 106 17.11 5.98 27.28
C LYS B 106 15.74 5.45 26.90
N LEU B 107 15.65 4.12 26.87
CA LEU B 107 14.41 3.42 26.57
C LEU B 107 13.90 2.76 27.84
N TYR B 108 12.61 2.45 27.84
CA TYR B 108 11.99 1.65 28.87
C TYR B 108 11.10 0.65 28.18
N VAL B 109 11.32 -0.61 28.52
CA VAL B 109 10.66 -1.71 27.83
C VAL B 109 10.02 -2.62 28.89
N SER B 110 8.91 -3.26 28.54
CA SER B 110 8.25 -4.24 29.44
C SER B 110 7.90 -5.54 28.71
N TYR B 111 8.33 -6.64 29.29
CA TYR B 111 8.15 -7.94 28.68
C TYR B 111 8.12 -9.01 29.76
N THR B 112 7.57 -10.17 29.42
CA THR B 112 7.49 -11.25 30.38
C THR B 112 8.70 -12.19 30.26
N THR B 113 8.98 -12.88 31.36
CA THR B 113 9.98 -13.94 31.39
C THR B 113 9.87 -14.81 32.64
N HIS B 123 6.20 -20.88 40.03
CA HIS B 123 4.88 -20.34 39.67
C HIS B 123 4.90 -19.42 38.44
N ASP B 124 4.80 -20.06 37.27
CA ASP B 124 4.63 -19.42 35.94
C ASP B 124 5.77 -18.51 35.41
N HIS B 125 5.56 -17.19 35.44
CA HIS B 125 6.51 -16.24 34.84
C HIS B 125 6.50 -14.88 35.55
N ILE B 126 7.40 -13.99 35.14
CA ILE B 126 7.46 -12.64 35.71
C ILE B 126 7.41 -11.51 34.68
N LEU B 127 6.55 -10.54 34.91
CA LEU B 127 6.44 -9.36 34.06
C LEU B 127 7.47 -8.35 34.50
N ARG B 128 8.28 -7.89 33.55
CA ARG B 128 9.53 -7.22 33.88
C ARG B 128 9.64 -5.87 33.18
N VAL B 129 10.06 -4.85 33.94
CA VAL B 129 10.33 -3.54 33.37
C VAL B 129 11.83 -3.24 33.43
N VAL B 130 12.41 -2.92 32.27
CA VAL B 130 13.86 -2.76 32.14
C VAL B 130 14.22 -1.49 31.38
N GLU B 131 15.28 -0.83 31.81
CA GLU B 131 15.81 0.32 31.09
C GLU B 131 16.95 -0.11 30.18
N TYR B 132 16.87 0.29 28.91
CA TYR B 132 17.95 0.04 27.97
C TYR B 132 18.52 1.38 27.48
N THR B 133 19.72 1.33 26.91
CA THR B 133 20.33 2.51 26.29
C THR B 133 20.81 2.18 24.88
N VAL B 134 20.67 3.13 23.95
CA VAL B 134 21.17 2.93 22.59
C VAL B 134 22.67 2.79 22.57
N SER B 135 23.15 2.06 21.57
CA SER B 135 24.57 2.03 21.27
C SER B 135 25.05 3.47 21.07
N ARG B 136 26.17 3.82 21.68
CA ARG B 136 26.74 5.14 21.42
C ARG B 136 27.44 5.17 20.06
N LYS B 137 27.58 4.02 19.44
CA LYS B 137 28.24 3.92 18.13
C LYS B 137 27.26 3.75 16.98
N ASN B 138 26.03 3.30 17.28
CA ASN B 138 25.00 3.12 16.28
C ASN B 138 23.65 3.57 16.82
N PRO B 139 23.12 4.70 16.30
CA PRO B 139 21.87 5.23 16.83
C PRO B 139 20.66 4.39 16.46
N HIS B 140 20.86 3.39 15.61
CA HIS B 140 19.76 2.55 15.14
C HIS B 140 19.70 1.20 15.82
N GLN B 141 20.54 1.00 16.81
CA GLN B 141 20.60 -0.26 17.55
C GLN B 141 20.84 0.02 19.03
N VAL B 142 20.14 -0.70 19.92
CA VAL B 142 20.37 -0.51 21.36
C VAL B 142 21.50 -1.40 21.83
N ASP B 143 22.27 -0.88 22.79
CA ASP B 143 23.32 -1.66 23.44
C ASP B 143 22.68 -2.53 24.50
N LEU B 144 22.76 -3.84 24.30
CA LEU B 144 22.03 -4.80 25.13
C LEU B 144 22.67 -5.00 26.49
N ARG B 145 23.95 -4.65 26.58
CA ARG B 145 24.70 -4.84 27.81
C ARG B 145 24.30 -3.82 28.88
N THR B 146 23.26 -3.05 28.61
CA THR B 146 22.93 -1.88 29.41
C THR B 146 21.63 -2.03 30.20
N ALA B 147 21.09 -3.24 30.21
CA ALA B 147 19.79 -3.50 30.83
C ALA B 147 19.84 -3.27 32.35
N ARG B 148 19.08 -2.29 32.83
CA ARG B 148 18.89 -2.09 34.26
C ARG B 148 17.47 -2.49 34.61
N VAL B 149 17.31 -3.58 35.36
CA VAL B 149 15.97 -4.06 35.71
C VAL B 149 15.34 -3.16 36.77
N PHE B 150 14.24 -2.52 36.41
CA PHE B 150 13.54 -1.60 37.28
C PHE B 150 12.56 -2.34 38.17
N LEU B 151 11.79 -3.25 37.57
CA LEU B 151 10.74 -3.97 38.27
C LEU B 151 10.61 -5.40 37.82
N GLU B 152 10.15 -6.25 38.73
CA GLU B 152 9.79 -7.63 38.41
C GLU B 152 8.50 -7.99 39.13
N VAL B 153 7.44 -8.21 38.35
CA VAL B 153 6.12 -8.47 38.90
C VAL B 153 5.78 -9.95 38.74
N ALA B 154 5.71 -10.65 39.86
CA ALA B 154 5.39 -12.06 39.87
C ALA B 154 4.01 -12.29 39.27
N GLU B 155 3.96 -13.15 38.27
CA GLU B 155 2.72 -13.42 37.55
C GLU B 155 2.37 -14.90 37.64
N LEU B 156 1.10 -15.19 37.91
CA LEU B 156 0.63 -16.56 38.05
C LEU B 156 -0.15 -17.05 36.83
N HIS B 157 -0.52 -16.11 35.96
CA HIS B 157 -1.35 -16.46 34.79
C HIS B 157 -0.82 -15.82 33.53
N ARG B 158 -1.39 -16.22 32.39
CA ARG B 158 -0.90 -15.78 31.10
C ARG B 158 -1.83 -14.79 30.43
N LYS B 159 -2.69 -14.17 31.23
CA LYS B 159 -3.70 -13.22 30.76
C LYS B 159 -3.87 -12.07 31.75
N HIS B 160 -4.57 -11.01 31.33
CA HIS B 160 -4.84 -9.83 32.19
C HIS B 160 -3.53 -9.20 32.67
N LEU B 161 -2.52 -9.22 31.80
CA LEU B 161 -1.17 -8.79 32.13
C LEU B 161 -1.02 -7.28 32.14
N GLY B 162 -1.42 -6.65 31.04
CA GLY B 162 -1.18 -5.22 30.84
C GLY B 162 0.29 -4.97 30.56
N GLY B 163 0.82 -3.90 31.15
CA GLY B 163 2.25 -3.59 31.00
C GLY B 163 2.54 -2.38 30.14
N GLN B 164 1.50 -1.63 29.78
CA GLN B 164 1.68 -0.41 29.01
C GLN B 164 2.56 0.59 29.75
N LEU B 165 3.48 1.21 29.02
CA LEU B 165 4.39 2.21 29.57
C LEU B 165 4.19 3.54 28.86
N LEU B 166 4.09 4.61 29.64
CA LEU B 166 4.00 5.96 29.10
C LEU B 166 4.62 6.95 30.06
N PHE B 167 5.25 7.98 29.49
CA PHE B 167 5.65 9.14 30.28
C PHE B 167 4.55 10.19 30.16
N GLY B 168 4.46 11.07 31.15
CA GLY B 168 3.54 12.20 31.07
C GLY B 168 4.32 13.49 31.20
N PRO B 169 3.61 14.63 31.25
CA PRO B 169 4.17 15.86 31.82
C PRO B 169 4.73 15.61 33.22
N ASP B 170 5.59 16.52 33.69
CA ASP B 170 6.40 16.31 34.89
C ASP B 170 7.46 15.22 34.67
N GLY B 171 7.41 14.59 33.49
CA GLY B 171 8.42 13.61 33.07
C GLY B 171 8.47 12.31 33.85
N PHE B 172 7.31 11.90 34.38
CA PHE B 172 7.20 10.65 35.15
C PHE B 172 6.80 9.44 34.30
N LEU B 173 7.31 8.27 34.66
CA LEU B 173 6.94 7.03 33.97
C LEU B 173 5.77 6.34 34.66
N TYR B 174 4.74 6.06 33.88
CA TYR B 174 3.56 5.36 34.37
C TYR B 174 3.57 3.95 33.85
N ILE B 175 3.24 2.99 34.71
CA ILE B 175 3.10 1.61 34.30
C ILE B 175 1.66 1.20 34.59
N ILE B 176 0.99 0.69 33.59
CA ILE B 176 -0.38 0.22 33.77
C ILE B 176 -0.38 -1.30 33.79
N LEU B 177 -0.81 -1.88 34.91
CA LEU B 177 -0.81 -3.34 35.07
C LEU B 177 -2.20 -3.89 35.35
N GLY B 178 -2.48 -5.06 34.78
CA GLY B 178 -3.77 -5.71 34.95
C GLY B 178 -3.77 -6.80 36.01
N ASP B 179 -4.96 -7.35 36.26
CA ASP B 179 -5.20 -8.42 37.23
C ASP B 179 -4.06 -9.41 37.36
N GLY B 180 -3.67 -9.97 36.22
CA GLY B 180 -2.80 -11.15 36.18
C GLY B 180 -3.63 -12.37 36.54
N ILE B 182 -4.94 -12.64 39.37
CA ILE B 182 -4.59 -12.87 40.75
C ILE B 182 -5.85 -12.77 41.60
N THR B 183 -6.24 -13.90 42.19
CA THR B 183 -7.39 -13.96 43.08
C THR B 183 -6.96 -13.67 44.52
N LEU B 184 -7.84 -13.04 45.27
CA LEU B 184 -7.56 -12.66 46.66
C LEU B 184 -7.31 -13.88 47.56
N ASP B 185 -7.67 -15.07 47.06
CA ASP B 185 -7.40 -16.33 47.73
C ASP B 185 -5.89 -16.57 47.80
N ASP B 186 -5.26 -16.65 46.63
CA ASP B 186 -3.84 -16.98 46.53
C ASP B 186 -2.93 -15.74 46.60
N GLU B 188 -2.82 -14.09 49.80
CA GLU B 188 -2.37 -14.36 51.16
C GLU B 188 -1.57 -15.66 51.27
N GLU B 189 -1.80 -16.55 50.32
CA GLU B 189 -1.17 -17.88 50.33
C GLU B 189 0.31 -17.83 49.92
N ASP B 191 3.71 -15.79 49.51
CA ASP B 191 4.61 -14.68 49.80
C ASP B 191 5.52 -14.46 48.60
N GLY B 192 6.13 -13.28 48.53
CA GLY B 192 6.95 -12.89 47.38
C GLY B 192 6.10 -12.67 46.14
N LEU B 193 4.89 -12.16 46.34
CA LEU B 193 3.96 -11.85 45.27
C LEU B 193 3.67 -10.36 45.28
N SER B 194 3.89 -9.72 44.13
CA SER B 194 3.72 -8.27 43.97
C SER B 194 2.34 -7.75 44.36
N ASP B 195 2.32 -6.50 44.83
CA ASP B 195 1.07 -5.79 45.09
C ASP B 195 0.70 -4.88 43.92
N PHE B 196 1.58 -4.80 42.93
CA PHE B 196 1.41 -3.90 41.78
C PHE B 196 0.33 -4.34 40.79
N THR B 197 -0.06 -5.61 40.85
CA THR B 197 -1.00 -6.18 39.89
C THR B 197 -2.37 -5.52 39.96
N GLY B 198 -2.87 -5.12 38.79
CA GLY B 198 -4.16 -4.43 38.67
C GLY B 198 -4.07 -2.98 39.06
N SER B 199 -2.88 -2.41 38.96
CA SER B 199 -2.63 -1.05 39.42
C SER B 199 -1.90 -0.19 38.39
N VAL B 200 -1.89 1.12 38.64
CA VAL B 200 -1.09 2.06 37.88
C VAL B 200 0.08 2.47 38.76
N LEU B 201 1.29 2.31 38.24
CA LEU B 201 2.49 2.70 38.95
C LEU B 201 3.06 3.98 38.34
N ARG B 202 3.63 4.84 39.19
CA ARG B 202 4.25 6.08 38.74
C ARG B 202 5.63 6.19 39.37
N LEU B 203 6.67 6.27 38.54
CA LEU B 203 8.04 6.27 39.02
C LEU B 203 8.81 7.48 38.50
N ASP B 204 9.71 8.00 39.34
CA ASP B 204 10.67 9.00 38.91
C ASP B 204 11.91 8.24 38.43
N VAL B 205 12.20 8.35 37.13
CA VAL B 205 13.37 7.69 36.55
C VAL B 205 14.60 8.58 36.59
N ASP B 206 14.40 9.86 36.93
CA ASP B 206 15.45 10.85 36.88
C ASP B 206 16.19 10.98 38.20
N THR B 207 16.70 9.86 38.70
CA THR B 207 17.36 9.85 40.00
C THR B 207 18.86 10.17 39.92
N ASP B 208 19.37 10.80 40.97
CA ASP B 208 20.80 10.95 41.18
C ASP B 208 21.32 9.74 41.95
N CYS B 210 22.20 6.06 43.43
CA CYS B 210 22.78 4.91 42.73
C CYS B 210 22.53 3.60 43.46
N ASN B 211 21.81 3.68 44.57
CA ASN B 211 21.48 2.50 45.37
C ASN B 211 20.18 1.89 44.91
N VAL B 212 19.29 2.73 44.40
CA VAL B 212 17.95 2.32 43.97
C VAL B 212 17.78 2.66 42.48
N PRO B 213 17.25 1.71 41.69
CA PRO B 213 17.12 1.89 40.25
C PRO B 213 16.17 3.02 39.86
N TYR B 214 15.14 3.23 40.68
CA TYR B 214 14.16 4.30 40.44
C TYR B 214 13.80 5.02 41.74
N SER B 215 13.44 6.30 41.59
CA SER B 215 13.00 7.12 42.71
C SER B 215 11.48 7.22 42.73
N ILE B 216 10.90 7.53 43.88
CA ILE B 216 9.45 7.69 44.03
C ILE B 216 9.11 9.19 44.11
N PRO B 217 8.30 9.68 43.16
CA PRO B 217 7.93 11.09 43.05
C PRO B 217 7.38 11.67 44.34
N ARG B 218 7.72 12.93 44.59
CA ARG B 218 7.29 13.70 45.77
C ARG B 218 5.78 13.73 45.92
N SER B 219 5.09 13.99 44.80
CA SER B 219 3.64 14.18 44.77
C SER B 219 2.85 12.87 44.69
N ASN B 220 3.50 11.76 45.00
CA ASN B 220 2.83 10.46 45.01
C ASN B 220 1.97 10.24 46.25
N PRO B 221 0.82 9.56 46.08
CA PRO B 221 0.14 8.97 47.23
C PRO B 221 0.96 7.77 47.70
N HIS B 222 1.03 7.57 49.01
CA HIS B 222 1.90 6.55 49.61
C HIS B 222 3.38 6.92 49.51
N PHE B 223 3.66 8.21 49.36
CA PHE B 223 5.03 8.72 49.24
C PHE B 223 5.92 8.29 50.40
N ASN B 224 5.47 8.58 51.63
CA ASN B 224 6.20 8.18 52.83
C ASN B 224 5.85 6.74 53.23
N SER B 225 5.71 5.90 52.20
CA SER B 225 5.39 4.46 52.33
C SER B 225 4.33 4.10 53.39
N THR B 226 4.79 3.62 54.55
CA THR B 226 3.94 3.02 55.60
C THR B 226 2.83 2.08 55.06
N ASN B 227 1.77 2.64 54.48
CA ASN B 227 0.81 1.85 53.71
C ASN B 227 1.53 1.27 52.50
N GLN B 228 1.90 0.00 52.65
CA GLN B 228 3.06 -0.63 51.99
C GLN B 228 3.57 -0.17 50.61
N PRO B 229 2.74 -0.25 49.53
CA PRO B 229 3.34 0.02 48.21
C PRO B 229 3.36 1.50 47.81
N PRO B 230 4.56 2.11 47.71
CA PRO B 230 4.68 3.53 47.38
C PRO B 230 4.52 3.84 45.89
N GLU B 231 4.75 2.84 45.05
CA GLU B 231 4.69 3.00 43.60
C GLU B 231 3.26 3.08 43.07
N VAL B 232 2.31 2.61 43.86
CA VAL B 232 0.91 2.54 43.42
C VAL B 232 0.29 3.93 43.40
N PHE B 233 -0.19 4.31 42.22
CA PHE B 233 -0.84 5.59 42.00
C PHE B 233 -2.37 5.43 41.96
N ALA B 234 -2.82 4.31 41.37
CA ALA B 234 -4.24 3.94 41.33
C ALA B 234 -4.41 2.43 41.14
N HIS B 235 -5.41 1.85 41.78
CA HIS B 235 -5.67 0.42 41.69
C HIS B 235 -7.06 0.16 41.14
N GLY B 236 -7.34 -1.10 40.82
CA GLY B 236 -8.70 -1.50 40.42
C GLY B 236 -8.84 -2.04 39.01
N LEU B 237 -7.77 -1.91 38.23
CA LEU B 237 -7.72 -2.43 36.86
C LEU B 237 -7.82 -3.94 36.80
N HIS B 238 -8.65 -4.44 35.89
CA HIS B 238 -8.76 -5.89 35.67
C HIS B 238 -8.01 -6.35 34.41
N ASP B 239 -8.65 -6.19 33.24
CA ASP B 239 -8.04 -6.57 31.97
C ASP B 239 -8.12 -5.36 31.05
N PRO B 240 -7.15 -4.43 31.19
CA PRO B 240 -7.21 -3.20 30.42
C PRO B 240 -6.76 -3.44 29.01
N GLY B 241 -7.23 -2.61 28.08
CA GLY B 241 -6.67 -2.58 26.74
C GLY B 241 -5.52 -1.60 26.67
N ARG B 242 -5.20 -1.15 25.46
CA ARG B 242 -4.28 -0.05 25.28
C ARG B 242 -5.03 1.21 25.65
N CYS B 243 -4.53 1.92 26.66
CA CYS B 243 -5.23 3.09 27.19
C CYS B 243 -4.88 4.35 26.41
N ALA B 244 -5.90 5.12 26.07
CA ALA B 244 -5.73 6.39 25.38
C ALA B 244 -5.18 7.43 26.36
N VAL B 245 -4.26 8.25 25.89
CA VAL B 245 -3.57 9.23 26.74
C VAL B 245 -3.64 10.63 26.14
N ASP B 246 -4.28 11.56 26.87
CA ASP B 246 -4.44 12.95 26.43
C ASP B 246 -3.47 13.83 27.19
N ARG B 247 -2.85 14.76 26.48
CA ARG B 247 -1.81 15.61 27.05
C ARG B 247 -2.10 17.12 26.96
N HIS B 248 -3.15 17.48 26.21
CA HIS B 248 -3.61 18.88 26.07
C HIS B 248 -2.59 19.80 25.41
N ASN B 255 -1.63 19.16 32.72
CA ASN B 255 -2.25 17.93 33.21
C ASN B 255 -2.30 16.77 32.19
N LEU B 256 -2.84 15.62 32.63
CA LEU B 256 -2.87 14.38 31.84
C LEU B 256 -4.18 13.63 32.06
N THR B 257 -4.62 12.90 31.03
CA THR B 257 -5.82 12.07 31.11
C THR B 257 -5.56 10.72 30.45
N ILE B 258 -5.81 9.64 31.18
CA ILE B 258 -5.73 8.30 30.59
C ILE B 258 -7.07 7.56 30.69
N LEU B 259 -7.49 6.95 29.59
CA LEU B 259 -8.80 6.33 29.49
C LEU B 259 -8.65 4.87 29.06
N CYS B 260 -9.01 3.95 29.94
CA CYS B 260 -8.81 2.53 29.68
C CYS B 260 -10.10 1.77 29.38
N SER B 261 -10.06 0.93 28.35
CA SER B 261 -11.12 -0.03 28.09
C SER B 261 -10.85 -1.26 28.94
N ASP B 262 -11.74 -1.55 29.89
CA ASP B 262 -11.55 -2.72 30.74
C ASP B 262 -12.50 -3.84 30.35
N SER B 263 -11.93 -4.98 29.96
CA SER B 263 -12.68 -6.11 29.44
C SER B 263 -13.40 -6.87 30.55
N ASN B 264 -12.70 -7.05 31.67
CA ASN B 264 -13.24 -7.77 32.84
C ASN B 264 -13.53 -9.27 32.59
N GLY B 265 -13.05 -9.77 31.45
CA GLY B 265 -13.23 -11.16 31.04
C GLY B 265 -14.69 -11.56 30.90
N LYS B 266 -15.21 -12.19 31.95
CA LYS B 266 -16.59 -12.70 31.96
C LYS B 266 -17.61 -11.58 32.19
N ASN B 267 -17.22 -10.57 32.97
CA ASN B 267 -18.08 -9.43 33.28
C ASN B 267 -18.19 -8.45 32.10
N ARG B 268 -19.33 -7.76 32.02
CA ARG B 268 -19.60 -6.77 30.99
C ARG B 268 -18.51 -5.68 30.96
N SER B 269 -18.00 -5.42 29.76
CA SER B 269 -16.91 -4.45 29.54
C SER B 269 -17.29 -3.02 29.92
N SER B 270 -16.29 -2.24 30.31
CA SER B 270 -16.49 -0.85 30.73
C SER B 270 -15.30 0.05 30.37
N ALA B 271 -15.32 1.27 30.92
CA ALA B 271 -14.25 2.24 30.75
C ALA B 271 -13.77 2.74 32.11
N ARG B 272 -12.48 3.04 32.22
CA ARG B 272 -11.93 3.62 33.43
C ARG B 272 -11.08 4.83 33.08
N ILE B 273 -11.01 5.79 34.00
CA ILE B 273 -10.38 7.07 33.69
C ILE B 273 -9.62 7.63 34.88
N LEU B 274 -8.34 7.90 34.64
CA LEU B 274 -7.49 8.57 35.62
C LEU B 274 -7.14 9.96 35.11
N GLN B 275 -7.23 10.95 36.00
CA GLN B 275 -6.92 12.33 35.65
C GLN B 275 -5.94 12.93 36.64
N ILE B 276 -4.91 13.58 36.13
CA ILE B 276 -3.76 14.00 36.93
C ILE B 276 -3.34 15.44 36.67
N ILE B 277 -3.49 16.30 37.68
CA ILE B 277 -3.09 17.71 37.59
C ILE B 277 -1.59 17.89 37.86
N LYS B 278 -1.09 19.13 37.73
CA LYS B 278 0.33 19.44 37.92
C LYS B 278 0.82 19.03 39.31
N GLY B 279 1.75 18.08 39.33
CA GLY B 279 2.33 17.51 40.55
C GLY B 279 1.91 18.12 41.87
N LYS B 280 0.72 17.78 42.33
CA LYS B 280 0.26 18.17 43.67
C LYS B 280 0.28 16.97 44.60
N ASP B 281 0.59 17.22 45.87
CA ASP B 281 0.70 16.16 46.87
C ASP B 281 -0.62 15.43 47.09
N TYR B 282 -0.69 14.18 46.62
CA TYR B 282 -1.84 13.33 46.86
C TYR B 282 -1.63 12.56 48.16
N GLU B 283 -2.63 12.61 49.04
CA GLU B 283 -2.64 11.79 50.25
C GLU B 283 -3.44 10.51 50.01
N SER B 284 -4.56 10.66 49.31
CA SER B 284 -5.35 9.52 48.85
C SER B 284 -5.13 9.31 47.36
N GLU B 285 -5.24 8.06 46.92
CA GLU B 285 -5.08 7.71 45.50
C GLU B 285 -6.19 8.36 44.67
N PRO B 286 -5.82 9.00 43.54
CA PRO B 286 -6.83 9.63 42.69
C PRO B 286 -7.88 8.63 42.23
N SER B 287 -9.13 9.06 42.22
CA SER B 287 -10.24 8.19 41.83
C SER B 287 -10.08 7.72 40.39
N LEU B 288 -10.25 6.41 40.18
CA LEU B 288 -10.12 5.81 38.87
C LEU B 288 -11.52 5.41 38.40
N LEU B 289 -12.42 6.39 38.39
CA LEU B 289 -13.87 6.14 38.28
C LEU B 289 -14.24 5.45 36.97
N GLU B 290 -15.42 4.82 36.96
CA GLU B 290 -15.81 3.89 35.92
C GLU B 290 -17.18 4.24 35.34
N PHE B 291 -17.27 4.18 34.01
CA PHE B 291 -18.53 4.36 33.28
C PHE B 291 -18.60 3.43 32.07
N LYS B 292 -19.80 3.27 31.51
CA LYS B 292 -20.00 2.34 30.40
C LYS B 292 -20.50 3.05 29.13
N PRO B 293 -19.56 3.43 28.24
CA PRO B 293 -19.87 4.05 26.95
C PRO B 293 -19.81 3.08 25.75
N PHE B 294 -19.69 1.79 26.02
CA PHE B 294 -19.56 0.79 24.95
C PHE B 294 -20.65 -0.28 25.04
N SER B 295 -21.22 -0.64 23.88
CA SER B 295 -22.19 -1.72 23.78
C SER B 295 -21.93 -2.60 22.54
N ASN B 296 -20.75 -3.23 22.52
CA ASN B 296 -20.32 -4.05 21.38
C ASN B 296 -19.27 -5.11 21.76
N GLY B 297 -19.36 -5.62 22.99
CA GLY B 297 -18.38 -6.59 23.50
C GLY B 297 -17.00 -5.98 23.73
N PRO B 298 -15.94 -6.82 23.66
CA PRO B 298 -14.59 -6.42 24.04
C PRO B 298 -13.95 -5.40 23.09
N LEU B 299 -12.98 -4.65 23.61
CA LEU B 299 -12.22 -3.70 22.81
C LEU B 299 -10.74 -4.00 22.91
N VAL B 300 -9.98 -3.60 21.89
CA VAL B 300 -8.54 -3.77 21.90
C VAL B 300 -7.86 -2.65 22.68
N GLY B 301 -8.36 -1.43 22.50
CA GLY B 301 -7.77 -0.25 23.12
C GLY B 301 -8.09 1.02 22.35
N GLY B 302 -7.35 2.09 22.64
CA GLY B 302 -7.62 3.37 22.01
C GLY B 302 -6.53 4.41 22.11
N PHE B 303 -6.74 5.54 21.43
CA PHE B 303 -5.77 6.61 21.39
C PHE B 303 -6.48 7.94 21.28
N VAL B 304 -5.77 9.01 21.63
CA VAL B 304 -6.29 10.36 21.44
C VAL B 304 -5.64 10.88 20.18
N TYR B 305 -6.43 11.09 19.12
CA TYR B 305 -5.85 11.57 17.87
C TYR B 305 -5.41 13.02 17.99
N ARG B 306 -4.10 13.21 17.83
CA ARG B 306 -3.50 14.54 17.89
C ARG B 306 -2.61 14.78 16.68
N GLY B 307 -2.86 14.03 15.61
CA GLY B 307 -2.16 14.20 14.34
C GLY B 307 -2.54 15.46 13.58
N CYS B 308 -2.01 15.58 12.36
CA CYS B 308 -2.10 16.80 11.59
C CYS B 308 -2.97 16.61 10.35
N GLN B 309 -2.90 15.42 9.77
CA GLN B 309 -3.59 15.13 8.52
C GLN B 309 -5.09 15.38 8.67
N SER B 310 -5.70 14.79 9.70
CA SER B 310 -7.13 14.94 9.92
C SER B 310 -7.42 16.14 10.83
N GLU B 311 -8.19 17.10 10.32
CA GLU B 311 -8.64 18.22 11.13
C GLU B 311 -9.79 17.82 12.03
N ARG B 312 -10.70 17.02 11.49
CA ARG B 312 -11.94 16.66 12.17
C ARG B 312 -11.76 15.61 13.26
N LEU B 313 -10.78 14.74 13.09
CA LEU B 313 -10.52 13.70 14.09
C LEU B 313 -9.73 14.26 15.26
N TYR B 314 -9.19 15.47 15.10
CA TYR B 314 -8.29 16.05 16.09
C TYR B 314 -9.01 16.19 17.41
N GLY B 315 -8.35 15.73 18.48
CA GLY B 315 -8.89 15.81 19.83
C GLY B 315 -9.84 14.68 20.24
N SER B 316 -10.15 13.78 19.31
CA SER B 316 -11.06 12.66 19.58
C SER B 316 -10.35 11.41 20.08
N TYR B 317 -11.01 10.73 21.01
CA TYR B 317 -10.59 9.40 21.44
C TYR B 317 -11.15 8.43 20.43
N VAL B 318 -10.29 7.65 19.80
CA VAL B 318 -10.78 6.61 18.91
C VAL B 318 -10.55 5.28 19.62
N PHE B 319 -11.58 4.44 19.61
CA PHE B 319 -11.47 3.08 20.13
C PHE B 319 -11.83 2.07 19.06
N GLY B 320 -11.15 0.93 19.07
CA GLY B 320 -11.41 -0.12 18.10
C GLY B 320 -11.47 -1.49 18.74
N ASP B 321 -12.21 -2.39 18.12
CA ASP B 321 -12.23 -3.76 18.59
C ASP B 321 -11.34 -4.64 17.72
N ARG B 322 -11.16 -5.88 18.17
CA ARG B 322 -10.38 -6.89 17.48
C ARG B 322 -10.61 -6.92 15.97
N ASN B 323 -11.86 -6.69 15.55
CA ASN B 323 -12.24 -6.78 14.14
C ASN B 323 -12.34 -5.46 13.38
N GLY B 324 -12.10 -4.35 14.06
CA GLY B 324 -12.02 -3.05 13.38
C GLY B 324 -13.33 -2.29 13.25
N ASN B 325 -14.10 -2.27 14.34
CA ASN B 325 -15.29 -1.45 14.43
C ASN B 325 -14.96 -0.27 15.31
N PHE B 326 -14.79 0.90 14.70
CA PHE B 326 -14.26 2.05 15.43
C PHE B 326 -15.31 2.96 16.09
N LEU B 327 -14.91 3.54 17.22
CA LEU B 327 -15.75 4.46 18.00
C LEU B 327 -15.02 5.78 18.19
N THR B 328 -15.79 6.82 18.49
CA THR B 328 -15.24 8.14 18.79
C THR B 328 -15.84 8.67 20.08
N LEU B 329 -15.00 8.88 21.09
CA LEU B 329 -15.43 9.58 22.29
C LEU B 329 -15.02 11.05 22.23
N GLN B 330 -16.01 11.92 22.33
CA GLN B 330 -15.80 13.36 22.40
C GLN B 330 -16.76 13.87 23.49
N GLN B 331 -16.27 13.89 24.73
CA GLN B 331 -17.09 14.25 25.88
C GLN B 331 -17.89 15.51 25.60
N SER B 332 -19.21 15.41 25.75
CA SER B 332 -20.15 16.45 25.35
C SER B 332 -19.62 17.86 25.64
N PRO B 333 -19.38 18.66 24.58
CA PRO B 333 -18.90 20.04 24.71
C PRO B 333 -19.86 20.95 25.47
N VAL B 334 -21.02 20.41 25.87
CA VAL B 334 -22.02 21.15 26.61
C VAL B 334 -22.24 20.63 28.05
N THR B 335 -22.87 19.46 28.18
CA THR B 335 -23.26 18.93 29.49
C THR B 335 -22.18 18.04 30.11
N LYS B 336 -21.11 17.80 29.34
CA LYS B 336 -20.01 16.91 29.73
C LYS B 336 -20.45 15.46 29.96
N GLN B 337 -20.51 14.71 28.87
CA GLN B 337 -20.99 13.33 28.85
C GLN B 337 -20.40 12.60 27.65
N TRP B 338 -20.00 11.35 27.87
CA TRP B 338 -19.33 10.57 26.83
C TRP B 338 -20.35 9.91 25.89
N GLN B 339 -20.19 10.14 24.59
CA GLN B 339 -21.05 9.57 23.55
C GLN B 339 -20.24 8.87 22.47
N GLU B 340 -20.69 7.69 22.06
CA GLU B 340 -19.95 6.84 21.12
C GLU B 340 -20.40 6.99 19.65
N LYS B 341 -20.12 8.14 19.06
CA LYS B 341 -20.33 8.33 17.62
C LYS B 341 -19.37 7.42 16.85
N PRO B 342 -19.91 6.51 16.02
CA PRO B 342 -19.09 5.55 15.25
C PRO B 342 -18.11 6.20 14.28
N LEU B 343 -17.17 5.41 13.77
CA LEU B 343 -16.16 5.89 12.85
C LEU B 343 -16.03 4.90 11.72
N CYS B 344 -16.79 5.14 10.66
CA CYS B 344 -16.86 4.24 9.52
C CYS B 344 -15.60 4.29 8.67
N LEU B 345 -15.37 3.21 7.93
CA LEU B 345 -14.34 3.18 6.92
C LEU B 345 -15.01 3.09 5.56
N GLY B 346 -14.45 3.81 4.61
CA GLY B 346 -14.89 3.76 3.23
C GLY B 346 -13.64 3.70 2.38
N THR B 347 -13.79 3.29 1.14
CA THR B 347 -12.63 3.16 0.25
C THR B 347 -12.59 4.30 -0.77
N SER B 348 -11.38 4.81 -1.03
CA SER B 348 -11.18 5.87 -2.00
C SER B 348 -9.88 5.57 -2.75
N GLY B 349 -9.97 4.79 -3.83
CA GLY B 349 -8.77 4.23 -4.47
C GLY B 349 -7.89 3.39 -3.53
N SER B 350 -6.61 3.26 -3.85
CA SER B 350 -5.70 2.41 -3.06
C SER B 350 -5.92 2.44 -1.53
N CYS B 351 -6.46 3.55 -1.02
CA CYS B 351 -6.76 3.72 0.40
C CYS B 351 -8.17 3.18 0.66
N ARG B 352 -8.20 2.05 1.36
CA ARG B 352 -9.37 1.17 1.37
C ARG B 352 -10.16 1.24 2.67
N GLY B 353 -11.37 0.67 2.65
CA GLY B 353 -12.26 0.67 3.81
C GLY B 353 -12.31 -0.65 4.56
N TYR B 354 -11.22 -1.41 4.49
CA TYR B 354 -11.07 -2.68 5.20
C TYR B 354 -9.57 -2.94 5.37
N PHE B 355 -9.21 -3.97 6.12
CA PHE B 355 -7.81 -4.35 6.27
C PHE B 355 -7.72 -5.81 6.67
N SER B 356 -6.54 -6.40 6.46
CA SER B 356 -6.34 -7.80 6.73
C SER B 356 -6.31 -8.13 8.21
N GLY B 357 -6.90 -9.27 8.57
CA GLY B 357 -6.78 -9.84 9.92
C GLY B 357 -7.36 -9.02 11.06
N HIS B 358 -7.00 -9.42 12.28
CA HIS B 358 -7.52 -8.81 13.51
C HIS B 358 -6.55 -7.77 14.03
N ILE B 359 -7.09 -6.67 14.56
CA ILE B 359 -6.25 -5.65 15.19
C ILE B 359 -5.53 -6.23 16.40
N LEU B 360 -4.20 -6.07 16.44
CA LEU B 360 -3.44 -6.45 17.63
C LEU B 360 -3.06 -5.26 18.50
N GLY B 361 -2.85 -4.10 17.90
CA GLY B 361 -2.52 -2.91 18.65
C GLY B 361 -2.46 -1.66 17.79
N PHE B 362 -2.01 -0.56 18.39
CA PHE B 362 -1.97 0.75 17.72
C PHE B 362 -0.59 1.40 17.60
N GLY B 363 -0.47 2.35 16.68
CA GLY B 363 0.77 3.04 16.45
C GLY B 363 0.58 4.55 16.35
N GLU B 364 1.66 5.29 16.59
CA GLU B 364 1.65 6.75 16.53
C GLU B 364 2.96 7.31 15.97
N ASP B 365 2.82 8.24 15.03
CA ASP B 365 3.93 8.96 14.42
C ASP B 365 4.59 9.95 15.35
N GLU B 366 5.75 10.44 14.93
CA GLU B 366 6.32 11.64 15.51
C GLU B 366 5.39 12.80 15.21
N LEU B 367 4.73 12.74 14.06
CA LEU B 367 3.77 13.77 13.63
C LEU B 367 2.38 13.58 14.24
N GLY B 368 2.21 12.51 15.01
CA GLY B 368 0.93 12.22 15.68
C GLY B 368 -0.08 11.48 14.83
N GLU B 369 0.31 11.08 13.63
CA GLU B 369 -0.56 10.28 12.79
C GLU B 369 -0.66 8.88 13.37
N VAL B 370 -1.80 8.22 13.14
CA VAL B 370 -2.12 6.99 13.86
C VAL B 370 -2.15 5.75 12.98
N TYR B 371 -1.77 4.62 13.56
CA TYR B 371 -1.68 3.36 12.83
C TYR B 371 -2.40 2.26 13.57
N ILE B 372 -2.75 1.20 12.83
CA ILE B 372 -3.20 -0.04 13.46
C ILE B 372 -2.31 -1.18 13.01
N LEU B 373 -2.04 -2.10 13.93
CA LEU B 373 -1.19 -3.24 13.61
C LEU B 373 -2.01 -4.52 13.69
N SER B 374 -1.86 -5.37 12.69
CA SER B 374 -2.79 -6.48 12.55
C SER B 374 -2.10 -7.78 12.21
N SER B 375 -2.79 -8.87 12.54
CA SER B 375 -2.38 -10.22 12.25
C SER B 375 -3.61 -11.13 12.22
N SER B 376 -3.40 -12.38 11.84
CA SER B 376 -4.38 -13.44 12.02
C SER B 376 -3.54 -14.69 12.21
N LYS B 377 -4.18 -15.82 12.47
CA LYS B 377 -3.44 -17.06 12.67
C LYS B 377 -2.65 -17.52 11.43
N SER B 378 -3.14 -17.16 10.23
CA SER B 378 -2.42 -17.47 8.98
C SER B 378 -1.45 -16.35 8.57
N THR B 380 0.38 -14.64 11.18
CA THR B 380 1.49 -14.87 12.12
C THR B 380 2.33 -16.03 11.61
N GLN B 381 1.66 -17.09 11.17
CA GLN B 381 2.26 -18.31 10.65
C GLN B 381 3.35 -18.03 9.61
N THR B 382 3.04 -17.15 8.66
CA THR B 382 3.97 -16.81 7.57
C THR B 382 4.59 -15.43 7.70
N HIS B 383 4.83 -14.99 8.95
CA HIS B 383 5.43 -13.68 9.22
C HIS B 383 4.84 -12.64 8.29
N ASN B 384 3.59 -12.28 8.52
CA ASN B 384 2.96 -11.25 7.69
C ASN B 384 2.05 -10.29 8.46
N GLY B 385 2.56 -9.74 9.55
CA GLY B 385 1.86 -8.69 10.26
C GLY B 385 1.85 -7.43 9.41
N LYS B 386 0.89 -6.56 9.65
CA LYS B 386 0.75 -5.40 8.80
C LYS B 386 0.72 -4.16 9.66
N LEU B 387 1.30 -3.09 9.12
CA LEU B 387 1.12 -1.76 9.68
C LEU B 387 0.25 -0.96 8.72
N TYR B 388 -0.87 -0.45 9.22
CA TYR B 388 -1.77 0.37 8.41
C TYR B 388 -1.89 1.78 8.98
N LYS B 389 -1.91 2.78 8.11
CA LYS B 389 -2.17 4.14 8.57
C LYS B 389 -3.63 4.54 8.36
N ILE B 390 -4.23 5.16 9.38
CA ILE B 390 -5.56 5.71 9.26
C ILE B 390 -5.48 7.07 8.57
N VAL B 391 -6.34 7.27 7.58
CA VAL B 391 -6.26 8.43 6.68
C VAL B 391 -7.60 9.15 6.57
N ASP B 392 -7.56 10.48 6.59
CA ASP B 392 -8.74 11.27 6.34
C ASP B 392 -8.69 11.67 4.88
N PRO B 393 -9.54 11.02 4.05
CA PRO B 393 -9.54 11.20 2.60
C PRO B 393 -10.19 12.51 2.18
N LYS B 394 -10.69 13.27 3.15
CA LYS B 394 -11.19 14.61 2.89
C LYS B 394 -10.09 15.67 3.01
N ARG B 395 -8.96 15.28 3.58
CA ARG B 395 -7.80 16.18 3.67
C ARG B 395 -6.65 15.65 2.80
N PRO B 396 -5.79 16.56 2.30
CA PRO B 396 -4.66 16.18 1.47
C PRO B 396 -3.76 15.20 2.20
N LEU B 397 -3.00 14.42 1.44
CA LEU B 397 -2.04 13.50 2.06
C LEU B 397 -1.00 14.26 2.86
N PRO B 399 -0.83 18.10 3.74
CA PRO B 399 -1.21 19.50 3.79
C PRO B 399 -0.02 20.34 4.23
N GLU B 400 0.08 21.56 3.71
CA GLU B 400 1.21 22.45 3.98
C GLU B 400 1.62 22.50 5.44
N GLU B 401 0.63 22.59 6.33
CA GLU B 401 0.85 22.69 7.77
C GLU B 401 1.53 21.46 8.39
N CYS B 402 1.49 20.32 7.70
CA CYS B 402 1.99 19.07 8.25
C CYS B 402 3.44 18.75 7.88
N ARG B 403 4.01 19.49 6.94
CA ARG B 403 5.41 19.34 6.55
C ARG B 403 6.31 19.52 7.76
N ALA B 404 7.31 18.65 7.88
CA ALA B 404 8.27 18.71 8.97
C ALA B 404 9.58 18.10 8.50
N THR B 405 10.67 18.81 8.72
CA THR B 405 11.99 18.35 8.27
C THR B 405 12.58 17.36 9.25
N VAL B 406 12.73 16.12 8.78
CA VAL B 406 13.35 15.05 9.56
C VAL B 406 14.73 15.46 10.05
N GLN B 407 14.97 15.20 11.34
CA GLN B 407 16.26 15.49 11.96
C GLN B 407 16.98 14.18 12.28
N PRO B 408 17.80 13.70 11.34
CA PRO B 408 18.38 12.36 11.38
C PRO B 408 19.00 12.03 12.73
N ALA B 409 18.57 10.92 13.29
CA ALA B 409 19.03 10.48 14.60
C ALA B 409 20.54 10.51 14.69
N GLN B 410 21.04 10.94 15.84
CA GLN B 410 22.47 11.20 16.02
C GLN B 410 23.05 10.38 17.17
N THR B 411 24.35 10.06 17.06
CA THR B 411 25.05 9.36 18.13
C THR B 411 25.10 10.22 19.40
N LEU B 412 24.93 9.59 20.55
CA LEU B 412 24.96 10.28 21.85
C LEU B 412 26.23 11.12 22.01
N THR B 413 26.05 12.34 22.51
CA THR B 413 27.17 13.24 22.78
C THR B 413 27.19 13.69 24.23
N SER B 414 26.10 13.42 24.96
CA SER B 414 25.98 13.83 26.38
C SER B 414 27.20 13.46 27.21
N GLU B 415 27.57 14.34 28.15
CA GLU B 415 28.78 14.14 28.94
C GLU B 415 28.85 12.71 29.49
N CYS B 416 27.84 12.31 30.26
CA CYS B 416 27.83 10.99 30.89
C CYS B 416 28.00 9.83 29.89
N SER B 417 27.55 10.02 28.66
CA SER B 417 27.71 8.99 27.63
C SER B 417 29.17 8.77 27.26
N ARG B 418 29.87 9.85 26.95
CA ARG B 418 31.23 9.73 26.39
C ARG B 418 32.34 9.48 27.41
N LEU B 419 32.02 9.60 28.70
CA LEU B 419 33.06 9.44 29.74
C LEU B 419 32.79 8.31 30.73
N CYS B 420 31.52 8.06 31.05
CA CYS B 420 31.14 7.14 32.11
C CYS B 420 31.25 5.67 31.73
N ARG B 421 32.48 5.18 31.67
CA ARG B 421 32.76 3.75 31.59
C ARG B 421 33.11 3.34 33.01
N ASN B 422 32.78 2.10 33.36
CA ASN B 422 32.95 1.57 34.73
C ASN B 422 31.75 1.88 35.60
N GLY B 423 30.58 1.71 35.01
CA GLY B 423 29.33 1.86 35.73
C GLY B 423 28.23 2.37 34.83
N TYR B 424 26.99 2.15 35.26
CA TYR B 424 25.84 2.72 34.56
C TYR B 424 25.77 4.22 34.71
N CYS B 425 24.75 4.80 34.10
CA CYS B 425 24.73 6.21 33.81
C CYS B 425 23.25 6.62 33.67
N THR B 426 22.78 7.40 34.65
CA THR B 426 21.34 7.69 34.82
C THR B 426 20.80 8.69 33.80
N PRO B 427 19.47 8.71 33.61
CA PRO B 427 18.83 9.67 32.70
C PRO B 427 19.22 11.13 32.95
N THR B 428 19.50 11.48 34.21
CA THR B 428 19.93 12.83 34.53
C THR B 428 21.39 13.06 34.15
N GLY B 429 22.15 11.99 33.99
CA GLY B 429 23.55 12.09 33.57
C GLY B 429 24.57 11.81 34.66
N LYS B 430 24.09 11.47 35.86
CA LYS B 430 24.99 11.07 36.94
C LYS B 430 25.61 9.73 36.58
N CYS B 431 26.91 9.62 36.80
CA CYS B 431 27.59 8.38 36.49
C CYS B 431 27.78 7.54 37.76
N CYS B 432 27.04 6.44 37.84
CA CYS B 432 27.10 5.57 39.01
C CYS B 432 28.12 4.47 38.78
N CYS B 433 29.05 4.33 39.71
CA CYS B 433 30.18 3.42 39.52
C CYS B 433 29.87 1.99 39.89
N SER B 434 30.31 1.07 39.05
CA SER B 434 30.38 -0.34 39.40
C SER B 434 31.41 -0.49 40.53
N PRO B 435 31.25 -1.50 41.41
CA PRO B 435 32.06 -1.58 42.63
C PRO B 435 33.56 -1.39 42.37
N GLY B 436 34.23 -0.71 43.29
CA GLY B 436 35.67 -0.46 43.18
C GLY B 436 36.06 0.65 42.23
N TRP B 437 35.18 1.64 42.06
CA TRP B 437 35.46 2.82 41.24
C TRP B 437 34.84 4.05 41.88
N GLU B 438 35.48 5.20 41.72
CA GLU B 438 34.95 6.47 42.22
C GLU B 438 35.37 7.66 41.35
N GLY B 439 34.81 8.84 41.65
CA GLY B 439 35.06 10.04 40.86
C GLY B 439 33.89 10.32 39.95
N ASP B 440 33.62 11.60 39.71
CA ASP B 440 32.47 12.04 38.91
C ASP B 440 32.08 11.03 37.83
N PHE B 441 33.04 10.62 37.02
CA PHE B 441 32.76 9.69 35.92
C PHE B 441 33.47 8.34 36.05
N CYS B 442 33.66 7.92 37.29
CA CYS B 442 34.12 6.56 37.63
C CYS B 442 35.40 6.13 36.94
N ARG B 443 36.49 6.85 37.17
CA ARG B 443 37.76 6.49 36.54
C ARG B 443 38.82 6.24 37.60
N THR B 444 38.68 6.88 38.75
CA THR B 444 39.54 6.64 39.90
C THR B 444 39.17 5.28 40.49
N ALA B 445 40.18 4.43 40.65
CA ALA B 445 39.99 3.09 41.22
C ALA B 445 40.14 3.11 42.74
N LYS B 446 39.35 2.29 43.42
CA LYS B 446 39.42 2.16 44.87
C LYS B 446 40.32 0.99 45.25
N CYS B 447 41.33 1.27 46.06
CA CYS B 447 42.20 0.21 46.60
C CYS B 447 41.91 -0.05 48.08
N GLU B 448 41.42 -1.26 48.36
CA GLU B 448 40.65 -1.54 49.58
C GLU B 448 41.36 -1.37 50.91
N PRO B 449 42.63 -1.79 51.02
CA PRO B 449 43.29 -1.60 52.32
C PRO B 449 44.03 -0.25 52.41
N ALA B 450 44.72 0.09 51.31
CA ALA B 450 45.68 1.18 51.22
C ALA B 450 46.50 0.83 50.00
N CYS B 451 47.44 1.68 49.64
CA CYS B 451 48.29 1.44 48.47
C CYS B 451 49.56 2.25 48.73
N ARG B 452 50.54 1.61 49.35
CA ARG B 452 51.59 2.34 50.11
C ARG B 452 52.80 2.87 49.31
N HIS B 453 53.67 3.60 50.01
CA HIS B 453 54.88 4.20 49.43
C HIS B 453 54.69 4.80 48.03
N GLY B 454 53.69 5.67 47.88
CA GLY B 454 53.49 6.40 46.64
C GLY B 454 53.08 5.55 45.46
N GLY B 455 52.43 4.43 45.73
CA GLY B 455 51.96 3.52 44.70
C GLY B 455 50.61 3.95 44.17
N VAL B 456 50.30 3.57 42.93
CA VAL B 456 49.06 4.00 42.30
C VAL B 456 48.01 2.88 42.26
N CYS B 457 46.74 3.26 42.35
CA CYS B 457 45.63 2.34 42.21
C CYS B 457 45.17 2.31 40.76
N VAL B 458 45.81 1.50 39.94
CA VAL B 458 45.52 1.42 38.51
C VAL B 458 44.17 0.74 38.22
N ARG B 459 43.98 -0.46 38.74
CA ARG B 459 42.69 -1.13 38.70
C ARG B 459 42.16 -1.15 40.13
N PRO B 460 40.91 -1.63 40.34
CA PRO B 460 40.44 -1.85 41.72
C PRO B 460 41.28 -2.94 42.39
N ASN B 461 41.85 -2.58 43.55
CA ASN B 461 42.72 -3.48 44.34
C ASN B 461 44.03 -3.93 43.70
N LYS B 462 44.38 -3.37 42.54
CA LYS B 462 45.74 -3.54 42.05
C LYS B 462 46.54 -2.27 42.20
N CYS B 463 47.70 -2.41 42.83
CA CYS B 463 48.61 -1.29 43.09
C CYS B 463 49.81 -1.36 42.17
N LEU B 464 50.20 -0.22 41.61
CA LEU B 464 51.40 -0.15 40.80
C LEU B 464 52.48 0.53 41.63
N CYS B 465 53.51 -0.24 41.96
CA CYS B 465 54.52 0.21 42.90
C CYS B 465 55.70 0.89 42.23
N LYS B 466 56.35 1.75 42.99
CA LYS B 466 57.59 2.39 42.57
C LYS B 466 58.74 1.41 42.80
N LYS B 467 59.75 1.49 41.94
CA LYS B 467 60.93 0.62 42.04
C LYS B 467 61.48 0.59 43.47
N GLY B 468 61.37 -0.57 44.10
CA GLY B 468 61.90 -0.76 45.45
C GLY B 468 60.85 -1.14 46.47
N TYR B 469 59.62 -1.38 46.01
CA TYR B 469 58.52 -1.70 46.91
C TYR B 469 57.64 -2.80 46.33
N LEU B 470 57.83 -4.02 46.84
CA LEU B 470 57.10 -5.20 46.37
C LEU B 470 55.87 -5.48 47.24
N GLY B 471 55.02 -6.40 46.79
CA GLY B 471 53.79 -6.74 47.51
C GLY B 471 52.56 -6.06 46.97
N PRO B 472 51.36 -6.60 47.26
CA PRO B 472 50.06 -6.13 46.76
C PRO B 472 49.75 -4.65 47.00
N GLN B 473 50.22 -4.09 48.12
CA GLN B 473 50.08 -2.66 48.36
C GLN B 473 51.44 -2.00 48.49
N CYS B 474 52.44 -2.63 47.88
CA CYS B 474 53.80 -2.09 47.84
C CYS B 474 54.38 -1.96 49.24
N GLU B 475 53.91 -2.79 50.17
CA GLU B 475 54.16 -2.57 51.59
C GLU B 475 55.57 -2.95 52.06
N HIS B 476 56.16 -3.96 51.43
CA HIS B 476 57.47 -4.46 51.83
C HIS B 476 58.59 -3.74 51.08
N HIS B 477 59.48 -3.12 51.84
CA HIS B 477 60.56 -2.32 51.27
C HIS B 477 61.65 -3.17 50.58
N HIS B 478 62.47 -3.86 51.36
CA HIS B 478 63.65 -4.57 50.85
C HIS B 478 63.31 -5.63 49.80
#